data_7Q5G
# 
_entry.id   7Q5G 
# 
_audit_conform.dict_name       mmcif_pdbx.dic 
_audit_conform.dict_version    5.381 
_audit_conform.dict_location   http://mmcif.pdb.org/dictionaries/ascii/mmcif_pdbx.dic 
# 
loop_
_database_2.database_id 
_database_2.database_code 
_database_2.pdbx_database_accession 
_database_2.pdbx_DOI 
PDB   7Q5G         pdb_00007q5g 10.2210/pdb7q5g/pdb 
WWPDB D_1292119042 ?            ?                   
# 
_pdbx_database_related.db_name        PDB 
_pdbx_database_related.details        'Lanreotide nanotube' 
_pdbx_database_related.db_id          7Q5A 
_pdbx_database_related.content_type   unspecified 
# 
_pdbx_database_status.status_code                     REL 
_pdbx_database_status.status_code_sf                  REL 
_pdbx_database_status.status_code_mr                  ? 
_pdbx_database_status.entry_id                        7Q5G 
_pdbx_database_status.recvd_initial_deposition_date   2021-11-03 
_pdbx_database_status.SG_entry                        N 
_pdbx_database_status.deposit_site                    PDBE 
_pdbx_database_status.process_site                    PDBE 
_pdbx_database_status.status_code_cs                  ? 
_pdbx_database_status.status_code_nmr_data            ? 
_pdbx_database_status.methods_development_category    ? 
_pdbx_database_status.pdb_format_compatible           Y 
# 
loop_
_audit_author.name 
_audit_author.pdbx_ordinal 
_audit_author.identifier_ORCID 
'Bressanelli, S.' 1 0000-0002-0921-6727 
'Le Du, M.H.'     2 0000-0002-4759-3160 
'Gobeaux, F.'     3 0000-0003-4410-2378 
'Legrand, P.'     4 0000-0003-2431-2255 
'Paternostre, M.' 5 0000-0002-3303-8959 
# 
_citation.abstract                  ? 
_citation.abstract_id_CAS           ? 
_citation.book_id_ISBN              ? 
_citation.book_publisher            ? 
_citation.book_publisher_city       ? 
_citation.book_title                ? 
_citation.coordinate_linkage        ? 
_citation.country                   US 
_citation.database_id_Medline       ? 
_citation.details                   ? 
_citation.id                        primary 
_citation.journal_abbrev            Proc.Natl.Acad.Sci.USA 
_citation.journal_id_ASTM           PNASA6 
_citation.journal_id_CSD            0040 
_citation.journal_id_ISSN           1091-6490 
_citation.journal_full              ? 
_citation.journal_issue             ? 
_citation.journal_volume            119 
_citation.language                  ? 
_citation.page_first                ? 
_citation.page_last                 ? 
_citation.title                     'Atomic structure of Lanreotide nanotubes revealed by cryo-EM.' 
_citation.year                      2022 
_citation.database_id_CSD           ? 
_citation.pdbx_database_id_DOI      10.1073/pnas.2120346119 
_citation.pdbx_database_id_PubMed   35042822 
_citation.pdbx_database_id_patent   ? 
_citation.unpublished_flag          ? 
# 
loop_
_citation_author.citation_id 
_citation_author.name 
_citation_author.ordinal 
_citation_author.identifier_ORCID 
primary 'Pieri, L.'       1  ?                   
primary 'Wang, F.'        2  ?                   
primary 'Arteni, A.A.'    3  ?                   
primary 'Vos, M.'         4  ?                   
primary 'Winter, J.M.'    5  ?                   
primary 'Le Du, M.H.'     6  ?                   
primary 'Artzner, F.'     7  0000-0002-5613-576X 
primary 'Gobeaux, F.'     8  ?                   
primary 'Legrand, P.'     9  0000-0003-2431-2255 
primary 'Boulard, Y.'     10 ?                   
primary 'Bressanelli, S.' 11 0000-0002-0921-6727 
primary 'Egelman, E.H.'   12 0000-0003-4844-5212 
primary 'Paternostre, M.' 13 ?                   
# 
_cell.angle_alpha                  90.000 
_cell.angle_alpha_esd              ? 
_cell.angle_beta                   90.000 
_cell.angle_beta_esd               ? 
_cell.angle_gamma                  120.000 
_cell.angle_gamma_esd              ? 
_cell.entry_id                     7Q5G 
_cell.details                      ? 
_cell.formula_units_Z              ? 
_cell.length_a                     18.950 
_cell.length_a_esd                 ? 
_cell.length_b                     18.950 
_cell.length_b_esd                 ? 
_cell.length_c                     57.520 
_cell.length_c_esd                 ? 
_cell.volume                       ? 
_cell.volume_esd                   ? 
_cell.Z_PDB                        12 
_cell.reciprocal_angle_alpha       ? 
_cell.reciprocal_angle_beta        ? 
_cell.reciprocal_angle_gamma       ? 
_cell.reciprocal_angle_alpha_esd   ? 
_cell.reciprocal_angle_beta_esd    ? 
_cell.reciprocal_angle_gamma_esd   ? 
_cell.reciprocal_length_a          ? 
_cell.reciprocal_length_b          ? 
_cell.reciprocal_length_c          ? 
_cell.reciprocal_length_a_esd      ? 
_cell.reciprocal_length_b_esd      ? 
_cell.reciprocal_length_c_esd      ? 
_cell.pdbx_unique_axis             ? 
# 
_symmetry.entry_id                         7Q5G 
_symmetry.cell_setting                     ? 
_symmetry.Int_Tables_number                169 
_symmetry.space_group_name_Hall            ? 
_symmetry.space_group_name_H-M             'P 61' 
_symmetry.pdbx_full_space_group_name_H-M   ? 
# 
loop_
_entity.id 
_entity.type 
_entity.src_method 
_entity.pdbx_description 
_entity.formula_weight 
_entity.pdbx_number_of_molecules 
_entity.pdbx_ec 
_entity.pdbx_mutation 
_entity.pdbx_fragment 
_entity.details 
1 polymer     syn 'LAN-DAP5 DERIVATIVE OF LANREOTIDE' 1056.260 2 ? ? ? ? 
2 non-polymer syn ETHANOL                             46.068   2 ? ? ? ? 
3 water       nat water                               18.015   8 ? ? ? ? 
# 
_entity_poly.entity_id                      1 
_entity_poly.type                           'polypeptide(L)' 
_entity_poly.nstd_linkage                   no 
_entity_poly.nstd_monomer                   yes 
_entity_poly.pdbx_seq_one_letter_code       '(4J2)CY(DTR)(DNP)VCT(NH2)' 
_entity_poly.pdbx_seq_one_letter_code_can   XCYWAVCTX 
_entity_poly.pdbx_strand_id                 A,B 
_entity_poly.pdbx_target_identifier         ? 
# 
loop_
_entity_poly_seq.entity_id 
_entity_poly_seq.num 
_entity_poly_seq.mon_id 
_entity_poly_seq.hetero 
1 1 4J2 n 
1 2 CYS n 
1 3 TYR n 
1 4 DTR n 
1 5 DNP n 
1 6 VAL n 
1 7 CYS n 
1 8 THR n 
1 9 NH2 n 
# 
_pdbx_entity_src_syn.entity_id              1 
_pdbx_entity_src_syn.pdbx_src_id            1 
_pdbx_entity_src_syn.pdbx_alt_source_flag   sample 
_pdbx_entity_src_syn.pdbx_beg_seq_num       1 
_pdbx_entity_src_syn.pdbx_end_seq_num       9 
_pdbx_entity_src_syn.organism_scientific    'Homo sapiens' 
_pdbx_entity_src_syn.organism_common_name   ? 
_pdbx_entity_src_syn.ncbi_taxonomy_id       9606 
_pdbx_entity_src_syn.details                ? 
# 
_struct_ref.id                         1 
_struct_ref.db_name                    PDB 
_struct_ref.db_code                    7Q5G 
_struct_ref.pdbx_db_accession          7Q5G 
_struct_ref.pdbx_db_isoform            ? 
_struct_ref.entity_id                  1 
_struct_ref.pdbx_seq_one_letter_code   ? 
_struct_ref.pdbx_align_begin           1 
# 
loop_
_struct_ref_seq.align_id 
_struct_ref_seq.ref_id 
_struct_ref_seq.pdbx_PDB_id_code 
_struct_ref_seq.pdbx_strand_id 
_struct_ref_seq.seq_align_beg 
_struct_ref_seq.pdbx_seq_align_beg_ins_code 
_struct_ref_seq.seq_align_end 
_struct_ref_seq.pdbx_seq_align_end_ins_code 
_struct_ref_seq.pdbx_db_accession 
_struct_ref_seq.db_align_beg 
_struct_ref_seq.pdbx_db_align_beg_ins_code 
_struct_ref_seq.db_align_end 
_struct_ref_seq.pdbx_db_align_end_ins_code 
_struct_ref_seq.pdbx_auth_seq_align_beg 
_struct_ref_seq.pdbx_auth_seq_align_end 
1 1 7Q5G A 1 ? 9 ? 7Q5G 1 ? 9 ? 1 9 
2 1 7Q5G B 1 ? 9 ? 7Q5G 1 ? 9 ? 1 9 
# 
loop_
_chem_comp.id 
_chem_comp.type 
_chem_comp.mon_nstd_flag 
_chem_comp.name 
_chem_comp.pdbx_synonyms 
_chem_comp.formula 
_chem_comp.formula_weight 
4J2 'D-peptide linking' . '(2R)-2-amino-3-(naphthalen-2-yl)propanoic acid' ? 'C13 H13 N O2'  215.248 
CYS 'L-peptide linking' y CYSTEINE                                         ? 'C3 H7 N O2 S'  121.158 
DNP 'L-peptide linking' n 3-AMINO-ALANINE                                  ? 'C3 H9 N2 O2 1' 105.116 
DTR 'D-peptide linking' . D-TRYPTOPHAN                                     ? 'C11 H12 N2 O2' 204.225 
EOH non-polymer         . ETHANOL                                          ? 'C2 H6 O'       46.068  
HOH non-polymer         . WATER                                            ? 'H2 O'          18.015  
NH2 non-polymer         . 'AMINO GROUP'                                    ? 'H2 N'          16.023  
THR 'L-peptide linking' y THREONINE                                        ? 'C4 H9 N O3'    119.119 
TYR 'L-peptide linking' y TYROSINE                                         ? 'C9 H11 N O3'   181.189 
VAL 'L-peptide linking' y VALINE                                           ? 'C5 H11 N O2'   117.146 
# 
_exptl.absorpt_coefficient_mu     ? 
_exptl.absorpt_correction_T_max   ? 
_exptl.absorpt_correction_T_min   ? 
_exptl.absorpt_correction_type    ? 
_exptl.absorpt_process_details    ? 
_exptl.entry_id                   7Q5G 
_exptl.crystals_number            1 
_exptl.details                    ? 
_exptl.method                     'X-RAY DIFFRACTION' 
_exptl.method_details             ? 
# 
_exptl_crystal.colour                      ? 
_exptl_crystal.density_diffrn              ? 
_exptl_crystal.density_Matthews            1.41 
_exptl_crystal.density_method              ? 
_exptl_crystal.density_percent_sol         ? 
_exptl_crystal.description                 ? 
_exptl_crystal.F_000                       ? 
_exptl_crystal.id                          1 
_exptl_crystal.preparation                 ? 
_exptl_crystal.size_max                    ? 
_exptl_crystal.size_mid                    ? 
_exptl_crystal.size_min                    ? 
_exptl_crystal.size_rad                    ? 
_exptl_crystal.colour_lustre               ? 
_exptl_crystal.colour_modifier             ? 
_exptl_crystal.colour_primary              ? 
_exptl_crystal.density_meas                ? 
_exptl_crystal.density_meas_esd            ? 
_exptl_crystal.density_meas_gt             ? 
_exptl_crystal.density_meas_lt             ? 
_exptl_crystal.density_meas_temp           ? 
_exptl_crystal.density_meas_temp_esd       ? 
_exptl_crystal.density_meas_temp_gt        ? 
_exptl_crystal.density_meas_temp_lt        ? 
_exptl_crystal.pdbx_crystal_image_url      ? 
_exptl_crystal.pdbx_crystal_image_format   ? 
_exptl_crystal.pdbx_mosaicity              ? 
_exptl_crystal.pdbx_mosaicity_esd          ? 
# 
_exptl_crystal_grow.apparatus       ? 
_exptl_crystal_grow.atmosphere      ? 
_exptl_crystal_grow.crystal_id      1 
_exptl_crystal_grow.details         ? 
_exptl_crystal_grow.method          'VAPOR DIFFUSION, SITTING DROP' 
_exptl_crystal_grow.method_ref      ? 
_exptl_crystal_grow.pH              ? 
_exptl_crystal_grow.pressure        ? 
_exptl_crystal_grow.pressure_esd    ? 
_exptl_crystal_grow.seeding         ? 
_exptl_crystal_grow.seeding_ref     ? 
_exptl_crystal_grow.temp            293 
_exptl_crystal_grow.temp_details    ? 
_exptl_crystal_grow.temp_esd        ? 
_exptl_crystal_grow.time            ? 
_exptl_crystal_grow.pdbx_details    'Ethanol 29%' 
_exptl_crystal_grow.pdbx_pH_range   ? 
# 
_diffrn.ambient_environment              ? 
_diffrn.ambient_temp                     100 
_diffrn.ambient_temp_details             ? 
_diffrn.ambient_temp_esd                 ? 
_diffrn.crystal_id                       1 
_diffrn.crystal_support                  ? 
_diffrn.crystal_treatment                ? 
_diffrn.details                          ? 
_diffrn.id                               1 
_diffrn.ambient_pressure                 ? 
_diffrn.ambient_pressure_esd             ? 
_diffrn.ambient_pressure_gt              ? 
_diffrn.ambient_pressure_lt              ? 
_diffrn.ambient_temp_gt                  ? 
_diffrn.ambient_temp_lt                  ? 
_diffrn.pdbx_serial_crystal_experiment   N 
# 
_diffrn_detector.details                      ? 
_diffrn_detector.detector                     PIXEL 
_diffrn_detector.diffrn_id                    1 
_diffrn_detector.type                         'DECTRIS PILATUS 6M' 
_diffrn_detector.area_resol_mean              ? 
_diffrn_detector.dtime                        ? 
_diffrn_detector.pdbx_frames_total            ? 
_diffrn_detector.pdbx_collection_time_total   ? 
_diffrn_detector.pdbx_collection_date         2013-04-17 
_diffrn_detector.pdbx_frequency               ? 
# 
_diffrn_radiation.collimation                      ? 
_diffrn_radiation.diffrn_id                        1 
_diffrn_radiation.filter_edge                      ? 
_diffrn_radiation.inhomogeneity                    ? 
_diffrn_radiation.monochromator                    ? 
_diffrn_radiation.polarisn_norm                    ? 
_diffrn_radiation.polarisn_ratio                   ? 
_diffrn_radiation.probe                            ? 
_diffrn_radiation.type                             ? 
_diffrn_radiation.xray_symbol                      ? 
_diffrn_radiation.wavelength_id                    1 
_diffrn_radiation.pdbx_monochromatic_or_laue_m_l   M 
_diffrn_radiation.pdbx_wavelength_list             ? 
_diffrn_radiation.pdbx_wavelength                  ? 
_diffrn_radiation.pdbx_diffrn_protocol             'SINGLE WAVELENGTH' 
_diffrn_radiation.pdbx_analyzer                    ? 
_diffrn_radiation.pdbx_scattering_type             x-ray 
# 
loop_
_diffrn_radiation_wavelength.id 
_diffrn_radiation_wavelength.wavelength 
_diffrn_radiation_wavelength.wt 
1 0.79990 1.0 
2 0.78971 1.0 
# 
_diffrn_source.current                     ? 
_diffrn_source.details                     ? 
_diffrn_source.diffrn_id                   1 
_diffrn_source.power                       ? 
_diffrn_source.size                        ? 
_diffrn_source.source                      SYNCHROTRON 
_diffrn_source.target                      ? 
_diffrn_source.type                        'SOLEIL BEAMLINE PROXIMA 1' 
_diffrn_source.voltage                     ? 
_diffrn_source.take-off_angle              ? 
_diffrn_source.pdbx_wavelength_list        '0.79990, 0.78971' 
_diffrn_source.pdbx_wavelength             ? 
_diffrn_source.pdbx_synchrotron_beamline   'PROXIMA 1' 
_diffrn_source.pdbx_synchrotron_site       SOLEIL 
# 
_reflns.B_iso_Wilson_estimate                          4.77 
_reflns.entry_id                                       7Q5G 
_reflns.data_reduction_details                         ? 
_reflns.data_reduction_method                          ? 
_reflns.d_resolution_high                              0.825 
_reflns.d_resolution_low                               16.41 
_reflns.details                                        ? 
_reflns.limit_h_max                                    ? 
_reflns.limit_h_min                                    ? 
_reflns.limit_k_max                                    ? 
_reflns.limit_k_min                                    ? 
_reflns.limit_l_max                                    ? 
_reflns.limit_l_min                                    ? 
_reflns.number_all                                     ? 
_reflns.number_obs                                     11135 
_reflns.observed_criterion                             ? 
_reflns.observed_criterion_F_max                       ? 
_reflns.observed_criterion_F_min                       ? 
_reflns.observed_criterion_I_max                       ? 
_reflns.observed_criterion_I_min                       ? 
_reflns.observed_criterion_sigma_F                     ? 
_reflns.observed_criterion_sigma_I                     ? 
_reflns.percent_possible_obs                           99.18 
_reflns.R_free_details                                 ? 
_reflns.Rmerge_F_all                                   ? 
_reflns.Rmerge_F_obs                                   ? 
_reflns.Friedel_coverage                               ? 
_reflns.number_gt                                      ? 
_reflns.threshold_expression                           ? 
_reflns.pdbx_redundancy                                44.4 
_reflns.pdbx_Rmerge_I_obs                              0.02957 
_reflns.pdbx_Rmerge_I_all                              ? 
_reflns.pdbx_Rsym_value                                ? 
_reflns.pdbx_netI_over_av_sigmaI                       ? 
_reflns.pdbx_netI_over_sigmaI                          90.68 
_reflns.pdbx_res_netI_over_av_sigmaI_2                 ? 
_reflns.pdbx_res_netI_over_sigmaI_2                    ? 
_reflns.pdbx_chi_squared                               ? 
_reflns.pdbx_scaling_rejects                           ? 
_reflns.pdbx_d_res_high_opt                            ? 
_reflns.pdbx_d_res_low_opt                             ? 
_reflns.pdbx_d_res_opt_method                          ? 
_reflns.phase_calculation_details                      ? 
_reflns.pdbx_Rrim_I_all                                0.02985 
_reflns.pdbx_Rpim_I_all                                0.004005 
_reflns.pdbx_d_opt                                     ? 
_reflns.pdbx_number_measured_all                       ? 
_reflns.pdbx_diffrn_id                                 1 
_reflns.pdbx_ordinal                                   1 
_reflns.pdbx_CC_half                                   1 
_reflns.pdbx_CC_star                                   1 
_reflns.pdbx_R_split                                   ? 
_reflns.pdbx_aniso_diffraction_limit_axis_1_ortho[1]   ? 
_reflns.pdbx_aniso_diffraction_limit_axis_1_ortho[2]   ? 
_reflns.pdbx_aniso_diffraction_limit_axis_1_ortho[3]   ? 
_reflns.pdbx_aniso_diffraction_limit_axis_2_ortho[1]   ? 
_reflns.pdbx_aniso_diffraction_limit_axis_2_ortho[2]   ? 
_reflns.pdbx_aniso_diffraction_limit_axis_2_ortho[3]   ? 
_reflns.pdbx_aniso_diffraction_limit_axis_3_ortho[1]   ? 
_reflns.pdbx_aniso_diffraction_limit_axis_3_ortho[2]   ? 
_reflns.pdbx_aniso_diffraction_limit_axis_3_ortho[3]   ? 
_reflns.pdbx_aniso_diffraction_limit_1                 ? 
_reflns.pdbx_aniso_diffraction_limit_2                 ? 
_reflns.pdbx_aniso_diffraction_limit_3                 ? 
_reflns.pdbx_aniso_B_tensor_eigenvector_1_ortho[1]     ? 
_reflns.pdbx_aniso_B_tensor_eigenvector_1_ortho[2]     ? 
_reflns.pdbx_aniso_B_tensor_eigenvector_1_ortho[3]     ? 
_reflns.pdbx_aniso_B_tensor_eigenvector_2_ortho[1]     ? 
_reflns.pdbx_aniso_B_tensor_eigenvector_2_ortho[2]     ? 
_reflns.pdbx_aniso_B_tensor_eigenvector_2_ortho[3]     ? 
_reflns.pdbx_aniso_B_tensor_eigenvector_3_ortho[1]     ? 
_reflns.pdbx_aniso_B_tensor_eigenvector_3_ortho[2]     ? 
_reflns.pdbx_aniso_B_tensor_eigenvector_3_ortho[3]     ? 
_reflns.pdbx_aniso_B_tensor_eigenvalue_1               ? 
_reflns.pdbx_aniso_B_tensor_eigenvalue_2               ? 
_reflns.pdbx_aniso_B_tensor_eigenvalue_3               ? 
_reflns.pdbx_orthogonalization_convention              ? 
_reflns.pdbx_percent_possible_ellipsoidal              ? 
_reflns.pdbx_percent_possible_spherical                ? 
_reflns.pdbx_percent_possible_ellipsoidal_anomalous    ? 
_reflns.pdbx_percent_possible_spherical_anomalous      ? 
_reflns.pdbx_redundancy_anomalous                      ? 
_reflns.pdbx_CC_half_anomalous                         ? 
_reflns.pdbx_absDiff_over_sigma_anomalous              ? 
_reflns.pdbx_percent_possible_anomalous                ? 
_reflns.pdbx_observed_signal_threshold                 ? 
_reflns.pdbx_signal_type                               ? 
_reflns.pdbx_signal_details                            ? 
_reflns.pdbx_signal_software_id                        ? 
# 
_reflns_shell.d_res_high                                    0.825 
_reflns_shell.d_res_low                                     0.8546 
_reflns_shell.meanI_over_sigI_all                           ? 
_reflns_shell.meanI_over_sigI_obs                           7.14 
_reflns_shell.number_measured_all                           ? 
_reflns_shell.number_measured_obs                           ? 
_reflns_shell.number_possible                               ? 
_reflns_shell.number_unique_all                             ? 
_reflns_shell.number_unique_obs                             1011 
_reflns_shell.percent_possible_all                          91.84 
_reflns_shell.percent_possible_obs                          ? 
_reflns_shell.Rmerge_F_all                                  ? 
_reflns_shell.Rmerge_F_obs                                  ? 
_reflns_shell.Rmerge_I_all                                  ? 
_reflns_shell.Rmerge_I_obs                                  0.1596 
_reflns_shell.meanI_over_sigI_gt                            ? 
_reflns_shell.meanI_over_uI_all                             ? 
_reflns_shell.meanI_over_uI_gt                              ? 
_reflns_shell.number_measured_gt                            ? 
_reflns_shell.number_unique_gt                              ? 
_reflns_shell.percent_possible_gt                           ? 
_reflns_shell.Rmerge_F_gt                                   ? 
_reflns_shell.Rmerge_I_gt                                   ? 
_reflns_shell.pdbx_redundancy                               4.6 
_reflns_shell.pdbx_Rsym_value                               ? 
_reflns_shell.pdbx_chi_squared                              ? 
_reflns_shell.pdbx_netI_over_sigmaI_all                     ? 
_reflns_shell.pdbx_netI_over_sigmaI_obs                     ? 
_reflns_shell.pdbx_Rrim_I_all                               0.1784 
_reflns_shell.pdbx_Rpim_I_all                               0.07567 
_reflns_shell.pdbx_rejects                                  ? 
_reflns_shell.pdbx_ordinal                                  1 
_reflns_shell.pdbx_diffrn_id                                1 
_reflns_shell.pdbx_CC_half                                  0.975 
_reflns_shell.pdbx_CC_star                                  0.994 
_reflns_shell.pdbx_R_split                                  ? 
_reflns_shell.pdbx_percent_possible_ellipsoidal             ? 
_reflns_shell.pdbx_percent_possible_spherical               ? 
_reflns_shell.pdbx_percent_possible_ellipsoidal_anomalous   ? 
_reflns_shell.pdbx_percent_possible_spherical_anomalous     ? 
_reflns_shell.pdbx_redundancy_anomalous                     ? 
_reflns_shell.pdbx_CC_half_anomalous                        ? 
_reflns_shell.pdbx_absDiff_over_sigma_anomalous             ? 
_reflns_shell.pdbx_percent_possible_anomalous               ? 
# 
_refine.aniso_B[1][1]                            ? 
_refine.aniso_B[1][2]                            ? 
_refine.aniso_B[1][3]                            ? 
_refine.aniso_B[2][2]                            ? 
_refine.aniso_B[2][3]                            ? 
_refine.aniso_B[3][3]                            ? 
_refine.B_iso_max                                19.590 
_refine.B_iso_mean                               5.8883 
_refine.B_iso_min                                3.110 
_refine.correlation_coeff_Fo_to_Fc               ? 
_refine.correlation_coeff_Fo_to_Fc_free          ? 
_refine.details                                  ? 
_refine.diff_density_max                         ? 
_refine.diff_density_max_esd                     ? 
_refine.diff_density_min                         ? 
_refine.diff_density_min_esd                     ? 
_refine.diff_density_rms                         ? 
_refine.diff_density_rms_esd                     ? 
_refine.entry_id                                 7Q5G 
_refine.pdbx_refine_id                           'X-RAY DIFFRACTION' 
_refine.ls_abs_structure_details                 ? 
_refine.ls_abs_structure_Flack                   ? 
_refine.ls_abs_structure_Flack_esd               ? 
_refine.ls_abs_structure_Rogers                  ? 
_refine.ls_abs_structure_Rogers_esd              ? 
_refine.ls_d_res_high                            0.8300 
_refine.ls_d_res_low                             16.4100 
_refine.ls_extinction_coef                       ? 
_refine.ls_extinction_coef_esd                   ? 
_refine.ls_extinction_expression                 ? 
_refine.ls_extinction_method                     ? 
_refine.ls_goodness_of_fit_all                   ? 
_refine.ls_goodness_of_fit_all_esd               ? 
_refine.ls_goodness_of_fit_obs                   ? 
_refine.ls_goodness_of_fit_obs_esd               ? 
_refine.ls_hydrogen_treatment                    ? 
_refine.ls_matrix_type                           ? 
_refine.ls_number_constraints                    ? 
_refine.ls_number_parameters                     ? 
_refine.ls_number_reflns_all                     ? 
_refine.ls_number_reflns_obs                     11132 
_refine.ls_number_reflns_R_free                  1113 
_refine.ls_number_reflns_R_work                  10019 
_refine.ls_number_restraints                     ? 
_refine.ls_percent_reflns_obs                    99.1800 
_refine.ls_percent_reflns_R_free                 10.0000 
_refine.ls_R_factor_all                          ? 
_refine.ls_R_factor_obs                          0.0781 
_refine.ls_R_factor_R_free                       0.0858 
_refine.ls_R_factor_R_free_error                 ? 
_refine.ls_R_factor_R_free_error_details         ? 
_refine.ls_R_factor_R_work                       0.0773 
_refine.ls_R_Fsqd_factor_obs                     ? 
_refine.ls_R_I_factor_obs                        ? 
_refine.ls_redundancy_reflns_all                 ? 
_refine.ls_redundancy_reflns_obs                 ? 
_refine.ls_restrained_S_all                      ? 
_refine.ls_restrained_S_obs                      ? 
_refine.ls_shift_over_esd_max                    ? 
_refine.ls_shift_over_esd_mean                   ? 
_refine.ls_structure_factor_coef                 ? 
_refine.ls_weighting_details                     ? 
_refine.ls_weighting_scheme                      ? 
_refine.ls_wR_factor_all                         ? 
_refine.ls_wR_factor_obs                         ? 
_refine.ls_wR_factor_R_free                      ? 
_refine.ls_wR_factor_R_work                      ? 
_refine.occupancy_max                            ? 
_refine.occupancy_min                            ? 
_refine.solvent_model_details                    'FLAT BULK SOLVENT MODEL' 
_refine.solvent_model_param_bsol                 ? 
_refine.solvent_model_param_ksol                 ? 
_refine.pdbx_R_complete                          ? 
_refine.ls_R_factor_gt                           ? 
_refine.ls_goodness_of_fit_gt                    ? 
_refine.ls_goodness_of_fit_ref                   ? 
_refine.ls_shift_over_su_max                     ? 
_refine.ls_shift_over_su_max_lt                  ? 
_refine.ls_shift_over_su_mean                    ? 
_refine.ls_shift_over_su_mean_lt                 ? 
_refine.pdbx_ls_sigma_I                          ? 
_refine.pdbx_ls_sigma_F                          1.440 
_refine.pdbx_ls_sigma_Fsqd                       ? 
_refine.pdbx_data_cutoff_high_absF               ? 
_refine.pdbx_data_cutoff_high_rms_absF           ? 
_refine.pdbx_data_cutoff_low_absF                ? 
_refine.pdbx_isotropic_thermal_model             ? 
_refine.pdbx_ls_cross_valid_method               THROUGHOUT 
_refine.pdbx_method_to_determine_struct          'AB INITIO PHASING' 
_refine.pdbx_starting_model                      ? 
_refine.pdbx_stereochemistry_target_values       ML 
_refine.pdbx_R_Free_selection_details            ? 
_refine.pdbx_stereochem_target_val_spec_case     ? 
_refine.pdbx_overall_ESU_R                       ? 
_refine.pdbx_overall_ESU_R_Free                  ? 
_refine.pdbx_solvent_vdw_probe_radii             1.1100 
_refine.pdbx_solvent_ion_probe_radii             ? 
_refine.pdbx_solvent_shrinkage_radii             0.9000 
_refine.pdbx_real_space_R                        ? 
_refine.pdbx_density_correlation                 ? 
_refine.pdbx_pd_number_of_powder_patterns        ? 
_refine.pdbx_pd_number_of_points                 ? 
_refine.pdbx_pd_meas_number_of_points            ? 
_refine.pdbx_pd_proc_ls_prof_R_factor            ? 
_refine.pdbx_pd_proc_ls_prof_wR_factor           ? 
_refine.pdbx_pd_Marquardt_correlation_coeff      ? 
_refine.pdbx_pd_Fsqrd_R_factor                   ? 
_refine.pdbx_pd_ls_matrix_band_width             ? 
_refine.pdbx_overall_phase_error                 8.3000 
_refine.pdbx_overall_SU_R_free_Cruickshank_DPI   ? 
_refine.pdbx_overall_SU_R_free_Blow_DPI          ? 
_refine.pdbx_overall_SU_R_Blow_DPI               ? 
_refine.pdbx_TLS_residual_ADP_flag               ? 
_refine.pdbx_diffrn_id                           1 
_refine.overall_SU_B                             ? 
_refine.overall_SU_ML                            0.0400 
_refine.overall_SU_R_Cruickshank_DPI             ? 
_refine.overall_SU_R_free                        ? 
_refine.overall_FOM_free_R_set                   ? 
_refine.overall_FOM_work_R_set                   ? 
_refine.pdbx_average_fsc_overall                 ? 
_refine.pdbx_average_fsc_work                    ? 
_refine.pdbx_average_fsc_free                    ? 
# 
_refine_hist.pdbx_refine_id                   'X-RAY DIFFRACTION' 
_refine_hist.cycle_id                         final 
_refine_hist.details                          ? 
_refine_hist.d_res_high                       0.8300 
_refine_hist.d_res_low                        16.4100 
_refine_hist.number_atoms_solvent             8 
_refine_hist.number_atoms_total               180 
_refine_hist.number_reflns_all                ? 
_refine_hist.number_reflns_obs                ? 
_refine_hist.number_reflns_R_free             ? 
_refine_hist.number_reflns_R_work             ? 
_refine_hist.R_factor_all                     ? 
_refine_hist.R_factor_obs                     ? 
_refine_hist.R_factor_R_free                  ? 
_refine_hist.R_factor_R_work                  ? 
_refine_hist.pdbx_number_residues_total       16 
_refine_hist.pdbx_B_iso_mean_ligand           10.01 
_refine_hist.pdbx_B_iso_mean_solvent          10.53 
_refine_hist.pdbx_number_atoms_protein        148 
_refine_hist.pdbx_number_atoms_nucleic_acid   0 
_refine_hist.pdbx_number_atoms_ligand         24 
_refine_hist.pdbx_number_atoms_lipid          ? 
_refine_hist.pdbx_number_atoms_carb           ? 
_refine_hist.pdbx_pseudo_atom_details         ? 
# 
loop_
_refine_ls_shell.pdbx_refine_id 
_refine_ls_shell.d_res_high 
_refine_ls_shell.d_res_low 
_refine_ls_shell.number_reflns_all 
_refine_ls_shell.number_reflns_obs 
_refine_ls_shell.number_reflns_R_free 
_refine_ls_shell.number_reflns_R_work 
_refine_ls_shell.percent_reflns_obs 
_refine_ls_shell.percent_reflns_R_free 
_refine_ls_shell.R_factor_all 
_refine_ls_shell.R_factor_obs 
_refine_ls_shell.R_factor_R_free 
_refine_ls_shell.R_factor_R_free_error 
_refine_ls_shell.R_factor_R_work 
_refine_ls_shell.redundancy_reflns_all 
_refine_ls_shell.redundancy_reflns_obs 
_refine_ls_shell.wR_factor_all 
_refine_ls_shell.wR_factor_obs 
_refine_ls_shell.wR_factor_R_free 
_refine_ls_shell.wR_factor_R_work 
_refine_ls_shell.pdbx_R_complete 
_refine_ls_shell.pdbx_total_number_of_bins_used 
_refine_ls_shell.pdbx_phase_error 
_refine_ls_shell.pdbx_fsc_work 
_refine_ls_shell.pdbx_fsc_free 
'X-RAY DIFFRACTION' 0.8300 0.8600  1310 . 128 1182 94.0000  . . . 0.1311 0.0000 0.1131 . . . . . . . 8 . . . 
'X-RAY DIFFRACTION' 0.8600 0.9100  1402 . 140 1262 100.0000 . . . 0.0954 0.0000 0.0867 . . . . . . . 8 . . . 
'X-RAY DIFFRACTION' 0.9100 0.9600  1389 . 141 1248 100.0000 . . . 0.1000 0.0000 0.0793 . . . . . . . 8 . . . 
'X-RAY DIFFRACTION' 0.9700 1.0400  1391 . 138 1253 100.0000 . . . 0.0822 0.0000 0.0677 . . . . . . . 8 . . . 
'X-RAY DIFFRACTION' 1.0400 1.1400  1411 . 139 1272 100.0000 . . . 0.0657 0.0000 0.0630 . . . . . . . 8 . . . 
'X-RAY DIFFRACTION' 1.1400 1.3100  1397 . 140 1257 100.0000 . . . 0.0836 0.0000 0.0699 . . . . . . . 8 . . . 
'X-RAY DIFFRACTION' 1.3100 1.6500  1413 . 146 1267 100.0000 . . . 0.0818 0.0000 0.0754 . . . . . . . 8 . . . 
'X-RAY DIFFRACTION' 1.6500 16.4100 1419 . 141 1278 100.0000 . . . 0.0864 0.0000 0.0813 . . . . . . . 8 . . . 
# 
_struct.entry_id                     7Q5G 
_struct.title                        
'LAN-DAP5 DERIVATIVE OF LANREOTIDE: L-DIAMINO PROPIONIC ACID IN POSITION 5 IN PLACE OF L-LYSINE' 
_struct.pdbx_model_details           ? 
_struct.pdbx_formula_weight          ? 
_struct.pdbx_formula_weight_method   ? 
_struct.pdbx_model_type_details      ? 
_struct.pdbx_CASP_flag               N 
# 
_struct_keywords.entry_id        7Q5G 
_struct_keywords.text            'Lanreotide, nanotube, assembly, HORMONE' 
_struct_keywords.pdbx_keywords   HORMONE 
# 
loop_
_struct_asym.id 
_struct_asym.pdbx_blank_PDB_chainid_flag 
_struct_asym.pdbx_modified 
_struct_asym.entity_id 
_struct_asym.details 
A N N 1 ? 
B N N 1 ? 
C N N 2 ? 
D N N 2 ? 
E N N 3 ? 
F N N 3 ? 
# 
loop_
_struct_conn.id 
_struct_conn.conn_type_id 
_struct_conn.pdbx_leaving_atom_flag 
_struct_conn.pdbx_PDB_id 
_struct_conn.ptnr1_label_asym_id 
_struct_conn.ptnr1_label_comp_id 
_struct_conn.ptnr1_label_seq_id 
_struct_conn.ptnr1_label_atom_id 
_struct_conn.pdbx_ptnr1_label_alt_id 
_struct_conn.pdbx_ptnr1_PDB_ins_code 
_struct_conn.pdbx_ptnr1_standard_comp_id 
_struct_conn.ptnr1_symmetry 
_struct_conn.ptnr2_label_asym_id 
_struct_conn.ptnr2_label_comp_id 
_struct_conn.ptnr2_label_seq_id 
_struct_conn.ptnr2_label_atom_id 
_struct_conn.pdbx_ptnr2_label_alt_id 
_struct_conn.pdbx_ptnr2_PDB_ins_code 
_struct_conn.ptnr1_auth_asym_id 
_struct_conn.ptnr1_auth_comp_id 
_struct_conn.ptnr1_auth_seq_id 
_struct_conn.ptnr2_auth_asym_id 
_struct_conn.ptnr2_auth_comp_id 
_struct_conn.ptnr2_auth_seq_id 
_struct_conn.ptnr2_symmetry 
_struct_conn.pdbx_ptnr3_label_atom_id 
_struct_conn.pdbx_ptnr3_label_seq_id 
_struct_conn.pdbx_ptnr3_label_comp_id 
_struct_conn.pdbx_ptnr3_label_asym_id 
_struct_conn.pdbx_ptnr3_label_alt_id 
_struct_conn.pdbx_ptnr3_PDB_ins_code 
_struct_conn.details 
_struct_conn.pdbx_dist_value 
_struct_conn.pdbx_value_order 
_struct_conn.pdbx_role 
disulf1  disulf ?    ? A CYS 2 SG ? ? ? 1_555 A CYS 7 SG ? ? A CYS 2 A CYS 7 1_555 ? ? ? ? ? ? ? 2.033 ? ? 
disulf2  disulf ?    ? B CYS 2 SG ? ? ? 1_555 B CYS 7 SG ? ? B CYS 2 B CYS 7 1_555 ? ? ? ? ? ? ? 2.044 ? ? 
covale1  covale both ? A 4J2 1 C  ? ? ? 1_555 A CYS 2 N  ? ? A 4J2 1 A CYS 2 1_555 ? ? ? ? ? ? ? 1.332 ? ? 
covale2  covale both ? A TYR 3 C  ? ? ? 1_555 A DTR 4 N  ? ? A TYR 3 A DTR 4 1_555 ? ? ? ? ? ? ? 1.337 ? ? 
covale3  covale both ? A DTR 4 C  ? ? ? 1_555 A DNP 5 N  A ? A DTR 4 A DNP 5 1_555 ? ? ? ? ? ? ? 1.334 ? ? 
covale4  covale both ? A DTR 4 C  ? ? ? 1_555 A DNP 5 N  B ? A DTR 4 A DNP 5 1_555 ? ? ? ? ? ? ? 1.346 ? ? 
covale5  covale both ? A DNP 5 C  A ? ? 1_555 A VAL 6 N  ? ? A DNP 5 A VAL 6 1_555 ? ? ? ? ? ? ? 1.318 ? ? 
covale6  covale both ? A DNP 5 C  B ? ? 1_555 A VAL 6 N  ? ? A DNP 5 A VAL 6 1_555 ? ? ? ? ? ? ? 1.387 ? ? 
covale7  covale both ? A THR 8 C  ? ? ? 1_555 A NH2 9 N  ? ? A THR 8 A NH2 9 1_555 ? ? ? ? ? ? ? 1.327 ? ? 
covale8  covale both ? B 4J2 1 C  ? ? ? 1_555 B CYS 2 N  ? ? B 4J2 1 B CYS 2 1_555 ? ? ? ? ? ? ? 1.333 ? ? 
covale9  covale both ? B TYR 3 C  ? ? ? 1_555 B DTR 4 N  ? ? B TYR 3 B DTR 4 1_555 ? ? ? ? ? ? ? 1.340 ? ? 
covale10 covale both ? B DTR 4 C  ? ? ? 1_555 B DNP 5 N  ? ? B DTR 4 B DNP 5 1_555 ? ? ? ? ? ? ? 1.339 ? ? 
covale11 covale both ? B DNP 5 C  ? ? ? 1_555 B VAL 6 N  ? ? B DNP 5 B VAL 6 1_555 ? ? ? ? ? ? ? 1.325 ? ? 
covale12 covale both ? B THR 8 C  ? ? ? 1_555 B NH2 9 N  ? ? B THR 8 B NH2 9 1_555 ? ? ? ? ? ? ? 1.312 ? ? 
# 
loop_
_struct_conn_type.id 
_struct_conn_type.criteria 
_struct_conn_type.reference 
disulf ? ? 
covale ? ? 
# 
loop_
_struct_sheet.id 
_struct_sheet.type 
_struct_sheet.number_strands 
_struct_sheet.details 
AA1 ? 2 ? 
AA2 ? 2 ? 
# 
loop_
_struct_sheet_order.sheet_id 
_struct_sheet_order.range_id_1 
_struct_sheet_order.range_id_2 
_struct_sheet_order.offset 
_struct_sheet_order.sense 
AA1 1 2 ? anti-parallel 
AA2 1 2 ? anti-parallel 
# 
loop_
_struct_sheet_range.sheet_id 
_struct_sheet_range.id 
_struct_sheet_range.beg_label_comp_id 
_struct_sheet_range.beg_label_asym_id 
_struct_sheet_range.beg_label_seq_id 
_struct_sheet_range.pdbx_beg_PDB_ins_code 
_struct_sheet_range.end_label_comp_id 
_struct_sheet_range.end_label_asym_id 
_struct_sheet_range.end_label_seq_id 
_struct_sheet_range.pdbx_end_PDB_ins_code 
_struct_sheet_range.beg_auth_comp_id 
_struct_sheet_range.beg_auth_asym_id 
_struct_sheet_range.beg_auth_seq_id 
_struct_sheet_range.end_auth_comp_id 
_struct_sheet_range.end_auth_asym_id 
_struct_sheet_range.end_auth_seq_id 
AA1 1 CYS A 2 ? TYR A 3 ? CYS A 2 TYR A 3 
AA1 2 VAL A 6 ? CYS A 7 ? VAL A 6 CYS A 7 
AA2 1 CYS B 2 ? TYR B 3 ? CYS B 2 TYR B 3 
AA2 2 VAL B 6 ? CYS B 7 ? VAL B 6 CYS B 7 
# 
loop_
_pdbx_struct_sheet_hbond.sheet_id 
_pdbx_struct_sheet_hbond.range_id_1 
_pdbx_struct_sheet_hbond.range_id_2 
_pdbx_struct_sheet_hbond.range_1_label_atom_id 
_pdbx_struct_sheet_hbond.range_1_label_comp_id 
_pdbx_struct_sheet_hbond.range_1_label_asym_id 
_pdbx_struct_sheet_hbond.range_1_label_seq_id 
_pdbx_struct_sheet_hbond.range_1_PDB_ins_code 
_pdbx_struct_sheet_hbond.range_1_auth_atom_id 
_pdbx_struct_sheet_hbond.range_1_auth_comp_id 
_pdbx_struct_sheet_hbond.range_1_auth_asym_id 
_pdbx_struct_sheet_hbond.range_1_auth_seq_id 
_pdbx_struct_sheet_hbond.range_2_label_atom_id 
_pdbx_struct_sheet_hbond.range_2_label_comp_id 
_pdbx_struct_sheet_hbond.range_2_label_asym_id 
_pdbx_struct_sheet_hbond.range_2_label_seq_id 
_pdbx_struct_sheet_hbond.range_2_PDB_ins_code 
_pdbx_struct_sheet_hbond.range_2_auth_atom_id 
_pdbx_struct_sheet_hbond.range_2_auth_comp_id 
_pdbx_struct_sheet_hbond.range_2_auth_asym_id 
_pdbx_struct_sheet_hbond.range_2_auth_seq_id 
AA1 1 2 N TYR A 3 ? N TYR A 3 O VAL A 6 ? O VAL A 6 
AA2 1 2 N TYR B 3 ? N TYR B 3 O VAL B 6 ? O VAL B 6 
# 
_atom_sites.entry_id                    7Q5G 
_atom_sites.Cartn_transf_matrix[1][1]   ? 
_atom_sites.Cartn_transf_matrix[1][2]   ? 
_atom_sites.Cartn_transf_matrix[1][3]   ? 
_atom_sites.Cartn_transf_matrix[2][1]   ? 
_atom_sites.Cartn_transf_matrix[2][2]   ? 
_atom_sites.Cartn_transf_matrix[2][3]   ? 
_atom_sites.Cartn_transf_matrix[3][1]   ? 
_atom_sites.Cartn_transf_matrix[3][2]   ? 
_atom_sites.Cartn_transf_matrix[3][3]   ? 
_atom_sites.Cartn_transf_vector[1]      ? 
_atom_sites.Cartn_transf_vector[2]      ? 
_atom_sites.Cartn_transf_vector[3]      ? 
_atom_sites.fract_transf_matrix[1][1]   -0.02892327 
_atom_sites.fract_transf_matrix[1][2]   -0.01186508 
_atom_sites.fract_transf_matrix[1][3]   0.05230273 
_atom_sites.fract_transf_matrix[2][1]   -0.03618554 
_atom_sites.fract_transf_matrix[2][2]   0.04214606 
_atom_sites.fract_transf_matrix[2][3]   0.02504532 
_atom_sites.fract_transf_matrix[3][1]   -0.01352483 
_atom_sites.fract_transf_matrix[3][2]   -0.00631610 
_atom_sites.fract_transf_matrix[3][3]   -0.00891202 
_atom_sites.fract_transf_vector[1]      0.977962 
_atom_sites.fract_transf_vector[2]      0.901332 
_atom_sites.fract_transf_vector[3]      0.084105 
_atom_sites.solution_primary            ? 
_atom_sites.solution_secondary          ? 
_atom_sites.solution_hydrogens          ? 
_atom_sites.special_details             ? 
# 
loop_
_atom_type.symbol 
C 
H 
N 
O 
S 
# 
loop_
_atom_site.group_PDB 
_atom_site.id 
_atom_site.type_symbol 
_atom_site.label_atom_id 
_atom_site.label_alt_id 
_atom_site.label_comp_id 
_atom_site.label_asym_id 
_atom_site.label_entity_id 
_atom_site.label_seq_id 
_atom_site.pdbx_PDB_ins_code 
_atom_site.Cartn_x 
_atom_site.Cartn_y 
_atom_site.Cartn_z 
_atom_site.occupancy 
_atom_site.B_iso_or_equiv 
_atom_site.pdbx_formal_charge 
_atom_site.auth_seq_id 
_atom_site.auth_comp_id 
_atom_site.auth_asym_id 
_atom_site.auth_atom_id 
_atom_site.pdbx_PDB_model_num 
HETATM 1   N N    . 4J2 A 1 1 ? -2.108 5.952   -1.778 1.00 4.80  ? 1   4J2 A N    1 
HETATM 2   C CA   . 4J2 A 1 1 ? -2.431 6.250   -0.392 1.00 4.39  ? 1   4J2 A CA   1 
HETATM 3   C CB   . 4J2 A 1 1 ? -1.473 7.276   0.215  1.00 5.15  ? 1   4J2 A CB   1 
HETATM 4   C CG   . 4J2 A 1 1 ? -1.758 8.669   -0.300 1.00 4.90  ? 1   4J2 A CG   1 
HETATM 5   C CD1  . 4J2 A 1 1 ? -2.809 9.398   0.289  1.00 4.97  ? 1   4J2 A CD1  1 
HETATM 6   C CD2  . 4J2 A 1 1 ? -1.076 9.234   -1.347 1.00 4.99  ? 1   4J2 A CD2  1 
HETATM 7   C CE1  . 4J2 A 1 1 ? -3.151 10.631  -0.145 1.00 4.90  ? 1   4J2 A CE1  1 
HETATM 8   C CZ1  . 4J2 A 1 1 ? -2.482 11.231  -1.244 1.00 4.92  ? 1   4J2 A CZ1  1 
HETATM 9   C CZ2  . 4J2 A 1 1 ? -2.838 12.505  -1.769 1.00 5.29  ? 1   4J2 A CZ2  1 
HETATM 10  C CZ3  . 4J2 A 1 1 ? -2.187 13.059  -2.819 1.00 5.59  ? 1   4J2 A CZ3  1 
HETATM 11  C CE2  . 4J2 A 1 1 ? -1.418 10.518  -1.848 1.00 5.00  ? 1   4J2 A CE2  1 
HETATM 12  C CE3  . 4J2 A 1 1 ? -0.746 11.113  -2.934 1.00 5.69  ? 1   4J2 A CE3  1 
HETATM 13  C CE4  . 4J2 A 1 1 ? -1.107 12.350  -3.410 1.00 5.73  ? 1   4J2 A CE4  1 
HETATM 14  C C    . 4J2 A 1 1 ? -2.463 4.993   0.477  1.00 3.93  ? 1   4J2 A C    1 
HETATM 15  H HE1  . 4J2 A 1 1 ? -3.872 11.084  0.262  1.00 5.88  ? 1   4J2 A HE1  1 
HETATM 16  O O    . 4J2 A 1 1 ? -2.829 5.096   1.654  1.00 4.98  ? 1   4J2 A O    1 
HETATM 17  H HE3  . 4J2 A 1 1 ? -0.039 10.647  -3.349 1.00 6.83  ? 1   4J2 A HE3  1 
HETATM 18  H HE4  . 4J2 A 1 1 ? -0.648 12.723  -4.145 1.00 6.88  ? 1   4J2 A HE4  1 
HETATM 19  H H2   . 4J2 A 1 1 ? -1.220 5.603   -1.835 1.00 5.76  ? 1   4J2 A H2   1 
HETATM 20  H H3   . 4J2 A 1 1 ? -2.736 5.318   -2.131 1.00 5.76  ? 1   4J2 A H3   1 
HETATM 21  H H    . 4J2 A 1 1 ? -2.158 6.718   -2.270 1.00 5.76  ? 1   4J2 A H    1 
HETATM 22  H HA   . 4J2 A 1 1 ? -3.340 6.642   -0.376 1.00 5.27  ? 1   4J2 A HA   1 
HETATM 23  H HB2  . 4J2 A 1 1 ? -0.552 7.027   -0.011 1.00 6.18  ? 1   4J2 A HB2  1 
HETATM 24  H HB1  . 4J2 A 1 1 ? -1.564 7.264   1.190  1.00 6.18  ? 1   4J2 A HB1  1 
HETATM 25  H HD1  . 4J2 A 1 1 ? -3.285 9.013   1.004  1.00 5.96  ? 1   4J2 A HD1  1 
HETATM 26  H HD2  . 4J2 A 1 1 ? -0.391 8.748   -1.764 1.00 5.98  ? 1   4J2 A HD2  1 
HETATM 27  H HZ2  . 4J2 A 1 1 ? -3.545 12.983  -1.364 1.00 6.34  ? 1   4J2 A HZ2  1 
HETATM 28  H HZ23 . 4J2 A 1 1 ? -2.430 13.914  -3.136 1.00 6.71  ? 1   4J2 A HZ23 1 
ATOM   29  N N    . CYS A 1 2 ? -2.083 3.829   -0.048 1.00 3.41  ? 2   CYS A N    1 
ATOM   30  C CA   . CYS A 1 2 ? -2.175 2.600   0.725  1.00 3.29  ? 2   CYS A CA   1 
ATOM   31  C C    . CYS A 1 2 ? -0.816 1.920   0.847  1.00 3.19  ? 2   CYS A C    1 
ATOM   32  O O    . CYS A 1 2 ? 0.037  1.980   -0.029 1.00 4.03  ? 2   CYS A O    1 
ATOM   33  C CB   . CYS A 1 2 ? -3.192 1.649   0.103  1.00 4.06  ? 2   CYS A CB   1 
ATOM   34  S SG   . CYS A 1 2 ? -4.837 2.380   -0.126 1.00 4.30  ? 2   CYS A SG   1 
ATOM   35  H H    . CYS A 1 2 ? -1.718 3.786   -0.985 1.00 4.10  ? 2   CYS A H    1 
ATOM   36  H HA   . CYS A 1 2 ? -2.489 2.835   1.632  1.00 3.95  ? 2   CYS A HA   1 
ATOM   37  H HB2  . CYS A 1 2 ? -2.858 1.350   -0.778 1.00 4.87  ? 2   CYS A HB2  1 
ATOM   38  H HB3  . CYS A 1 2 ? -3.282 0.851   0.681  1.00 4.87  ? 2   CYS A HB3  1 
ATOM   39  N N    . TYR A 1 3 ? -0.673 1.257   2.003  1.00 3.11  ? 3   TYR A N    1 
ATOM   40  C CA   . TYR A 1 3 ? 0.576  0.642   2.421  1.00 3.41  ? 3   TYR A CA   1 
ATOM   41  C C    . TYR A 1 3 ? 0.171  -0.672  3.095  1.00 3.55  ? 3   TYR A C    1 
ATOM   42  O O    . TYR A 1 3 ? -0.483 -0.654  4.139  1.00 3.63  ? 3   TYR A O    1 
ATOM   43  C CB   . TYR A 1 3 ? 1.297  1.533   3.452  1.00 3.84  ? 3   TYR A CB   1 
ATOM   44  C CG   . TYR A 1 3 ? 1.519  2.952   2.991  1.00 3.86  ? 3   TYR A CG   1 
ATOM   45  C CD1  . TYR A 1 3 ? 0.521  3.905   3.133  1.00 4.08  ? 3   TYR A CD1  1 
ATOM   46  C CD2  . TYR A 1 3 ? 2.752  3.351   2.457  1.00 4.17  ? 3   TYR A CD2  1 
ATOM   47  C CE1  . TYR A 1 3 ? 0.733  5.229   2.816  1.00 4.69  ? 3   TYR A CE1  1 
ATOM   48  C CE2  . TYR A 1 3 ? 2.979  4.682   2.160  1.00 4.82  ? 3   TYR A CE2  1 
ATOM   49  C CZ   . TYR A 1 3 ? 1.985  5.624   2.354  1.00 5.42  ? 3   TYR A CZ   1 
ATOM   50  O OH   . TYR A 1 3 ? 2.272  6.949   2.139  1.00 6.80  ? 3   TYR A OH   1 
ATOM   51  H H    . TYR A 1 3 ? -1.472 1.175   2.616  1.00 3.73  ? 3   TYR A H    1 
ATOM   52  H HA   . TYR A 1 3 ? 1.159  0.466   1.643  1.00 4.09  ? 3   TYR A HA   1 
ATOM   53  H HB2  . TYR A 1 3 ? 0.767  1.549   4.276  1.00 4.60  ? 3   TYR A HB2  1 
ATOM   54  H HB3  . TYR A 1 3 ? 2.164  1.127   3.661  1.00 4.60  ? 3   TYR A HB3  1 
ATOM   55  H HD1  . TYR A 1 3 ? -0.307 3.650   3.506  1.00 4.90  ? 3   TYR A HD1  1 
ATOM   56  H HD2  . TYR A 1 3 ? 3.458  2.729   2.389  1.00 5.01  ? 3   TYR A HD2  1 
ATOM   57  H HE1  . TYR A 1 3 ? 0.062  5.872   2.979  1.00 5.62  ? 3   TYR A HE1  1 
ATOM   58  H HE2  . TYR A 1 3 ? 3.829  4.957   1.858  1.00 5.79  ? 3   TYR A HE2  1 
ATOM   59  H HH   . TYR A 1 3 ? 1.817  7.244   1.474  1.00 8.16  ? 3   TYR A HH   1 
HETATM 60  N N    . DTR A 1 4 ? 0.494  -1.817  2.487  1.00 4.10  ? 4   DTR A N    1 
HETATM 61  C CA   A DTR A 1 4 ? -0.022 -3.070  3.048  0.77 4.37  ? 4   DTR A CA   1 
HETATM 62  C CA   B DTR A 1 4 ? -0.021 -3.070  3.041  0.23 4.61  ? 4   DTR A CA   1 
HETATM 63  C CB   A DTR A 1 4 ? 0.522  -4.296  2.285  0.77 4.61  ? 4   DTR A CB   1 
HETATM 64  C CB   B DTR A 1 4 ? 0.534  -4.293  2.308  0.23 5.36  ? 4   DTR A CB   1 
HETATM 65  C CG   A DTR A 1 4 ? 0.116  -5.582  2.984  0.77 4.09  ? 4   DTR A CG   1 
HETATM 66  C CG   B DTR A 1 4 ? -0.130 -5.554  2.716  0.23 5.97  ? 4   DTR A CG   1 
HETATM 67  C CD1  A DTR A 1 4 ? 0.683  -6.183  4.064  0.77 4.30  ? 4   DTR A CD1  1 
HETATM 68  C CD1  B DTR A 1 4 ? 0.260  -6.271  3.806  0.23 6.68  ? 4   DTR A CD1  1 
HETATM 69  N NE1  A DTR A 1 4 ? -0.023 -7.268  4.482  0.77 4.01  ? 4   DTR A NE1  1 
HETATM 70  N NE1  B DTR A 1 4 ? -0.609 -7.301  3.949  0.23 6.76  ? 4   DTR A NE1  1 
HETATM 71  C CE2  A DTR A 1 4 ? -1.124 -7.410  3.637  0.77 3.83  ? 4   DTR A CE2  1 
HETATM 72  C CE2  B DTR A 1 4 ? -1.505 -7.362  2.927  0.23 6.43  ? 4   DTR A CE2  1 
HETATM 73  C CZ2  A DTR A 1 4 ? -2.135 -8.371  3.634  0.77 4.88  ? 4   DTR A CZ2  1 
HETATM 74  C CZ2  B DTR A 1 4 ? -2.537 -8.281  2.689  0.23 6.52  ? 4   DTR A CZ2  1 
HETATM 75  C CH2  A DTR A 1 4 ? -3.081 -8.325  2.616  0.77 5.71  ? 4   DTR A CH2  1 
HETATM 76  C CH2  B DTR A 1 4 ? -3.285 -8.125  1.562  0.23 6.49  ? 4   DTR A CH2  1 
HETATM 77  C CZ3  A DTR A 1 4 ? -3.033 -7.303  1.655  0.77 5.93  ? 4   DTR A CZ3  1 
HETATM 78  C CZ3  B DTR A 1 4 ? -3.083 -7.071  0.695  0.23 6.32  ? 4   DTR A CZ3  1 
HETATM 79  C CE3  A DTR A 1 4 ? -2.065 -6.308  1.713  0.77 4.77  ? 4   DTR A CE3  1 
HETATM 80  C CE3  B DTR A 1 4 ? -2.125 -6.116  0.999  0.23 5.78  ? 4   DTR A CE3  1 
HETATM 81  C CD2  A DTR A 1 4 ? -1.066 -6.369  2.708  0.77 3.97  ? 4   DTR A CD2  1 
HETATM 82  C CD2  B DTR A 1 4 ? -1.286 -6.241  2.128  0.23 5.92  ? 4   DTR A CD2  1 
HETATM 83  C C    . DTR A 1 4 ? -1.545 -3.037  2.968  1.00 4.35  ? 4   DTR A C    1 
HETATM 84  O O    . DTR A 1 4 ? -2.117 -2.830  1.911  1.00 5.32  ? 4   DTR A O    1 
HETATM 85  H H    . DTR A 1 4 ? 1.076  -1.840  1.662  1.00 4.92  ? 4   DTR A H    1 
HETATM 86  H HA   . DTR A 1 4 ? 0.260  -3.129  3.988  1.00 5.53  ? 4   DTR A HA   1 
HETATM 87  H HB2  A DTR A 1 4 ? 1.498  -4.237  2.239  0.77 5.53  ? 4   DTR A HB2  1 
HETATM 88  H HB2  B DTR A 1 4 ? 1.494  -4.357  2.490  0.23 6.43  ? 4   DTR A HB2  1 
HETATM 89  H HB3  A DTR A 1 4 ? 0.166  -4.288  1.372  0.77 5.53  ? 4   DTR A HB3  1 
HETATM 90  H HB3  B DTR A 1 4 ? 0.416  -4.160  1.344  0.23 6.43  ? 4   DTR A HB3  1 
HETATM 91  H HD1  A DTR A 1 4 ? 1.457  -5.865  4.501  0.77 5.16  ? 4   DTR A HD1  1 
HETATM 92  H HD1  B DTR A 1 4 ? 0.938  -6.033  4.421  0.23 8.01  ? 4   DTR A HD1  1 
HETATM 93  H HE1  A DTR A 1 4 ? 0.188  -7.795  5.144  0.77 4.81  ? 4   DTR A HE1  1 
HETATM 94  H HE1  B DTR A 1 4 ? -0.539 -7.910  4.578  0.23 8.12  ? 4   DTR A HE1  1 
HETATM 95  H HZ2  A DTR A 1 4 ? -2.135 -9.071  4.264  0.77 5.86  ? 4   DTR A HZ2  1 
HETATM 96  H HZ2  B DTR A 1 4 ? -2.656 -9.027  3.251  0.23 7.82  ? 4   DTR A HZ2  1 
HETATM 97  H HH2  A DTR A 1 4 ? -3.781 -8.953  2.598  0.77 6.86  ? 4   DTR A HH2  1 
HETATM 98  H HH2  B DTR A 1 4 ? -3.968 -8.738  1.384  0.23 7.79  ? 4   DTR A HH2  1 
HETATM 99  H HZ3  A DTR A 1 4 ? -3.718 -7.245  1.008  0.77 7.12  ? 4   DTR A HZ3  1 
HETATM 100 H HZ3  B DTR A 1 4 ? -3.655 -6.956  -0.043 0.23 7.58  ? 4   DTR A HZ3  1 
HETATM 101 H HE3  A DTR A 1 4 ? -2.032 -5.637  1.050  0.77 5.72  ? 4   DTR A HE3  1 
HETATM 102 H HE3  B DTR A 1 4 ? -1.984 -5.402  0.402  0.23 6.94  ? 4   DTR A HE3  1 
HETATM 103 N N    A DNP A 1 5 ? -2.217 -3.276  4.095  0.77 4.75  ? 5   DNP A N    1 
HETATM 104 N N    B DNP A 1 5 ? -2.096 -3.264  4.175  0.23 4.21  ? 5   DNP A N    1 
HETATM 105 C CA   A DNP A 1 5 ? -3.686 -3.190  4.115  0.77 5.12  ? 5   DNP A CA   1 
HETATM 106 C CA   B DNP A 1 5 ? -3.520 -3.331  4.317  0.23 4.30  ? 5   DNP A CA   1 
HETATM 107 C CB   A DNP A 1 5 ? -4.334 -4.353  4.928  0.77 5.76  ? 5   DNP A CB   1 
HETATM 108 C CB   B DNP A 1 5 ? -3.796 -4.651  5.035  0.23 4.10  ? 5   DNP A CB   1 
HETATM 109 N NG   A DNP A 1 5 ? -4.092 -5.677  4.397  0.77 5.85  ? 5   DNP A NG   1 
HETATM 110 N NG   B DNP A 1 5 ? -5.136 -5.145  4.732  0.23 4.18  ? 5   DNP A NG   1 
HETATM 111 C C    A DNP A 1 5 ? -4.212 -1.868  4.679  0.77 4.88  ? 5   DNP A C    1 
HETATM 112 C C    B DNP A 1 5 ? -4.060 -2.065  4.996  0.23 4.24  ? 5   DNP A C    1 
HETATM 113 O O    A DNP A 1 5 ? -5.411 -1.732  4.938  0.77 5.76  ? 5   DNP A O    1 
HETATM 114 O O    B DNP A 1 5 ? -5.150 -2.168  5.624  0.23 4.54  ? 5   DNP A O    1 
HETATM 115 H H    A DNP A 1 5 ? -1.724 -3.515  4.941  0.77 5.70  ? 5   DNP A H    1 
HETATM 116 H H    B DNP A 1 5 ? -1.515 -3.381  4.988  0.23 5.06  ? 5   DNP A H    1 
HETATM 117 H HA   A DNP A 1 5 ? -4.007 -3.269  3.189  0.77 6.14  ? 5   DNP A HA   1 
HETATM 118 H HA   B DNP A 1 5 ? -3.919 -3.390  3.419  0.23 5.16  ? 5   DNP A HA   1 
HETATM 119 H HB2  A DNP A 1 5 ? -5.301 -4.205  4.964  0.77 6.91  ? 5   DNP A HB2  1 
HETATM 120 H HB2  B DNP A 1 5 ? -3.708 -4.514  6.000  0.23 4.92  ? 5   DNP A HB2  1 
HETATM 121 H HB3  A DNP A 1 5 ? -3.990 -4.316  5.843  0.77 6.91  ? 5   DNP A HB3  1 
HETATM 122 H HB3  B DNP A 1 5 ? -3.132 -5.312  4.753  0.23 4.92  ? 5   DNP A HB3  1 
HETATM 123 H HG1  A DNP A 1 5 ? -4.713 -6.253  4.719  0.77 7.01  ? 5   DNP A HG1  1 
HETATM 124 H HG1  B DNP A 1 5 ? -5.420 -5.688  5.399  0.23 5.02  ? 5   DNP A HG1  1 
HETATM 125 H HG2  A DNP A 1 5 ? -3.267 -5.958  4.643  0.77 7.01  ? 5   DNP A HG2  1 
HETATM 126 H HG2  B DNP A 1 5 ? -5.122 -5.612  3.955  0.23 5.02  ? 5   DNP A HG2  1 
HETATM 127 H HG3  A DNP A 1 5 ? -4.148 -5.657  3.493  0.77 7.01  ? 5   DNP A HG3  1 
HETATM 128 H HG3  B DNP A 1 5 ? -5.709 -4.449  4.654  0.23 5.02  ? 5   DNP A HG3  1 
ATOM   129 N N    . VAL A 1 6 ? -3.356 -0.881  4.842  1.00 3.80  ? 6   VAL A N    1 
ATOM   130 C CA   . VAL A 1 6 ? -3.764 0.369   5.473  1.00 3.62  ? 6   VAL A CA   1 
ATOM   131 C C    . VAL A 1 6 ? -3.760 1.487   4.444  1.00 3.65  ? 6   VAL A C    1 
ATOM   132 O O    . VAL A 1 6 ? -2.771 1.698   3.750  1.00 4.75  ? 6   VAL A O    1 
ATOM   133 C CB   . VAL A 1 6 ? -2.825 0.746   6.620  1.00 3.87  ? 6   VAL A CB   1 
ATOM   134 C CG1  . VAL A 1 6 ? -3.273 2.047   7.273  1.00 4.30  ? 6   VAL A CG1  1 
ATOM   135 C CG2  . VAL A 1 6 ? -2.780 -0.369  7.659  1.00 4.32  ? 6   VAL A CG2  1 
ATOM   136 H H    . VAL A 1 6 ? -2.460 -0.913  4.388  1.00 4.56  ? 6   VAL A H    1 
ATOM   137 H HA   . VAL A 1 6 ? -4.664 0.271   5.827  1.00 4.35  ? 6   VAL A HA   1 
ATOM   138 H HB   . VAL A 1 6 ? -1.916 0.872   6.251  1.00 4.64  ? 6   VAL A HB   1 
ATOM   139 H HG11 . VAL A 1 6 ? -2.904 2.802   6.782  1.00 5.16  ? 6   VAL A HG11 1 
ATOM   140 H HG12 . VAL A 1 6 ? -2.959 2.077   8.193  1.00 5.16  ? 6   VAL A HG12 1 
ATOM   141 H HG13 . VAL A 1 6 ? -4.245 2.100   7.263  1.00 5.16  ? 6   VAL A HG13 1 
ATOM   142 H HG21 . VAL A 1 6 ? -3.685 -0.579  7.950  1.00 5.19  ? 6   VAL A HG21 1 
ATOM   143 H HG22 . VAL A 1 6 ? -2.255 -0.078  8.426  1.00 5.19  ? 6   VAL A HG22 1 
ATOM   144 H HG23 . VAL A 1 6 ? -2.372 -1.161  7.271  1.00 5.19  ? 6   VAL A HG23 1 
ATOM   145 N N    . CYS A 1 7 ? -4.854 2.258   4.391  1.00 3.38  ? 7   CYS A N    1 
ATOM   146 C CA   . CYS A 1 7 ? -4.918 3.386   3.497  1.00 3.37  ? 7   CYS A CA   1 
ATOM   147 C C    . CYS A 1 7 ? -5.068 4.678   4.303  1.00 3.61  ? 7   CYS A C    1 
ATOM   148 O O    . CYS A 1 7 ? -5.863 4.753   5.238  1.00 4.47  ? 7   CYS A O    1 
ATOM   149 C CB   . CYS A 1 7 ? -6.082 3.259   2.524  1.00 4.11  ? 7   CYS A CB   1 
ATOM   150 S SG   . CYS A 1 7 ? -5.978 1.789   1.449  1.00 4.23  ? 7   CYS A SG   1 
ATOM   151 H H    . CYS A 1 7 ? -5.647 2.053   4.981  1.00 4.05  ? 7   CYS A H    1 
ATOM   152 H HA   . CYS A 1 7 ? -4.076 3.426   2.979  1.00 4.04  ? 7   CYS A HA   1 
ATOM   153 H HB2  . CYS A 1 7 ? -6.928 3.214   3.035  1.00 4.93  ? 7   CYS A HB2  1 
ATOM   154 H HB3  . CYS A 1 7 ? -6.115 4.065   1.952  1.00 4.93  ? 7   CYS A HB3  1 
ATOM   155 N N    . THR A 1 8 ? -4.317 5.707   3.897  1.00 3.97  ? 8   THR A N    1 
ATOM   156 C CA   . THR A 1 8 ? -4.226 6.931   4.686  1.00 4.07  ? 8   THR A CA   1 
ATOM   157 C C    . THR A 1 8 ? -4.959 8.116   4.065  1.00 4.41  ? 8   THR A C    1 
ATOM   158 O O    . THR A 1 8 ? -4.951 9.191   4.666  1.00 5.41  ? 8   THR A O    1 
ATOM   159 C CB   . THR A 1 8 ? -2.750 7.345   4.888  1.00 4.45  ? 8   THR A CB   1 
ATOM   160 O OG1  . THR A 1 8 ? -2.274 7.748   3.626  1.00 5.33  ? 8   THR A OG1  1 
ATOM   161 C CG2  . THR A 1 8 ? -1.918 6.229   5.487  1.00 5.24  ? 8   THR A CG2  1 
ATOM   162 H H    . THR A 1 8 ? -3.806 5.646   3.027  1.00 4.76  ? 8   THR A H    1 
ATOM   163 H HA   . THR A 1 8 ? -4.622 6.753   5.575  1.00 4.88  ? 8   THR A HA   1 
ATOM   164 H HB   . THR A 1 8 ? -2.727 8.121   5.501  1.00 5.35  ? 8   THR A HB   1 
ATOM   165 H HG1  . THR A 1 8 ? -1.513 8.093   3.708  1.00 6.40  ? 8   THR A HG1  1 
ATOM   166 H HG21 . THR A 1 8 ? -2.418 5.804   6.227  1.00 6.29  ? 8   THR A HG21 1 
ATOM   167 H HG22 . THR A 1 8 ? -1.069 6.599   5.834  1.00 6.29  ? 8   THR A HG22 1 
ATOM   168 H HG23 . THR A 1 8 ? -1.723 5.552   4.792  1.00 6.29  ? 8   THR A HG23 1 
HETATM 169 N N    . NH2 A 1 9 ? -5.591 7.942   2.911  1.00 4.95  ? 9   NH2 A N    1 
HETATM 170 H HN1  . NH2 A 1 9 ? -6.119 8.649   2.455  1.00 5.94  ? 9   NH2 A HN1  1 
HETATM 171 H HN2  . NH2 A 1 9 ? -5.355 7.071   2.087  1.00 5.94  ? 9   NH2 A HN2  1 
HETATM 172 N N    . 4J2 B 1 1 ? -0.650 -5.347  -1.770 1.00 5.39  ? 1   4J2 B N    1 
HETATM 173 C CA   . 4J2 B 1 1 ? 0.682  -5.578  -2.304 1.00 4.85  ? 1   4J2 B CA   1 
HETATM 174 C CB   . 4J2 B 1 1 ? 1.604  -6.146  -1.217 1.00 5.06  ? 1   4J2 B CB   1 
HETATM 175 C CG   . 4J2 B 1 1 ? 1.478  -7.635  -0.985 1.00 4.87  ? 1   4J2 B CG   1 
HETATM 176 C CD1  . 4J2 B 1 1 ? 2.268  -8.499  -1.799 1.00 5.20  ? 1   4J2 B CD1  1 
HETATM 177 C CD2  . 4J2 B 1 1 ? 0.653  -8.189  -0.053 1.00 5.29  ? 1   4J2 B CD2  1 
HETATM 178 C CE1  . 4J2 B 1 1 ? 2.167  -9.853  -1.686 1.00 5.12  ? 1   4J2 B CE1  1 
HETATM 179 C CZ1  . 4J2 B 1 1 ? 1.301  -10.438 -0.771 1.00 5.20  ? 1   4J2 B CZ1  1 
HETATM 180 C CZ2  . 4J2 B 1 1 ? 1.131  -11.853 -0.669 1.00 5.90  ? 1   4J2 B CZ2  1 
HETATM 181 C CZ3  . 4J2 B 1 1 ? 0.272  -12.382 0.231  1.00 6.52  ? 1   4J2 B CZ3  1 
HETATM 182 C CE2  . 4J2 B 1 1 ? 0.546  -9.604  0.075  1.00 5.50  ? 1   4J2 B CE2  1 
HETATM 183 C CE3  . 4J2 B 1 1 ? -0.325 -10.203 1.037  1.00 6.30  ? 1   4J2 B CE3  1 
HETATM 184 C CE4  . 4J2 B 1 1 ? -0.470 -11.563 1.100  1.00 6.80  ? 1   4J2 B CE4  1 
HETATM 185 C C    . 4J2 B 1 1 ? 1.330  -4.291  -2.807 1.00 4.42  ? 1   4J2 B C    1 
HETATM 186 H HE1  . 4J2 B 1 1 ? 2.660  -10.405 -2.270 1.00 6.14  ? 1   4J2 B HE1  1 
HETATM 187 O O    . 4J2 B 1 1 ? 2.231  -4.346  -3.651 1.00 5.21  ? 1   4J2 B O    1 
HETATM 188 H HE3  . 4J2 B 1 1 ? -0.851 -9.656  1.585  1.00 7.56  ? 1   4J2 B HE3  1 
HETATM 189 H HE4  . 4J2 B 1 1 ? -1.059 -11.951 1.727  1.00 8.17  ? 1   4J2 B HE4  1 
HETATM 190 H H2   . 4J2 B 1 1 ? -1.170 -4.844  -2.401 1.00 6.46  ? 1   4J2 B H2   1 
HETATM 191 H H3   . 4J2 B 1 1 ? -0.589 -4.866  -0.945 1.00 6.46  ? 1   4J2 B H3   1 
HETATM 192 H H    . 4J2 B 1 1 ? -1.053 -6.150  -1.624 1.00 6.46  ? 1   4J2 B H    1 
HETATM 193 H HA   . 4J2 B 1 1 ? 0.624  -6.223  -3.053 1.00 5.82  ? 1   4J2 B HA   1 
HETATM 194 H HB2  . 4J2 B 1 1 ? 1.416  -5.679  -0.376 1.00 6.07  ? 1   4J2 B HB2  1 
HETATM 195 H HB1  . 4J2 B 1 1 ? 2.529  -5.947  -1.467 1.00 6.07  ? 1   4J2 B HB1  1 
HETATM 196 H HD1  . 4J2 B 1 1 ? 2.821  -8.127  -2.462 1.00 6.24  ? 1   4J2 B HD1  1 
HETATM 197 H HD2  . 4J2 B 1 1 ? 0.132  -7.635  0.493  1.00 6.34  ? 1   4J2 B HD2  1 
HETATM 198 H HZ2  . 4J2 B 1 1 ? 1.637  -12.424 -1.226 1.00 7.08  ? 1   4J2 B HZ2  1 
HETATM 199 H HZ23 . 4J2 B 1 1 ? 0.201  -13.320 0.305  1.00 7.83  ? 1   4J2 B HZ23 1 
ATOM   200 N N    . CYS B 1 2 ? 0.948  -3.152  -2.228 1.00 3.99  ? 2   CYS B N    1 
ATOM   201 C CA   . CYS B 1 2 ? 1.622  -1.899  -2.503 1.00 3.68  ? 2   CYS B CA   1 
ATOM   202 C C    . CYS B 1 2 ? 2.107  -1.255  -1.199 1.00 3.72  ? 2   CYS B C    1 
ATOM   203 O O    . CYS B 1 2 ? 1.437  -1.327  -0.170 1.00 4.35  ? 2   CYS B O    1 
ATOM   204 C CB   . CYS B 1 2 ? 0.732  -0.857  -3.174 1.00 3.93  ? 2   CYS B CB   1 
ATOM   205 S SG   . CYS B 1 2 ? 0.001  -1.382  -4.751 1.00 3.88  ? 2   CYS B SG   1 
ATOM   206 H H    . CYS B 1 2 ? 0.175  -3.150  -1.582 1.00 4.79  ? 2   CYS B H    1 
ATOM   207 H HA   . CYS B 1 2 ? 2.400  -2.078  -3.085 1.00 4.41  ? 2   CYS B HA   1 
ATOM   208 H HB2  . CYS B 1 2 ? -0.004 -0.620  -2.555 1.00 4.71  ? 2   CYS B HB2  1 
ATOM   209 H HB3  . CYS B 1 2 ? 1.263  -0.039  -3.335 1.00 4.71  ? 2   CYS B HB3  1 
ATOM   210 N N    . TYR B 1 3 ? 3.235  -0.535  -1.315 1.00 3.76  ? 3   TYR B N    1 
ATOM   211 C CA   . TYR B 1 3 ? 3.611  0.492   -0.341 1.00 3.83  ? 3   TYR B CA   1 
ATOM   212 C C    . TYR B 1 3 ? 3.709  1.781   -1.161 1.00 3.76  ? 3   TYR B C    1 
ATOM   213 O O    . TYR B 1 3 ? 4.654  1.966   -1.942 1.00 4.13  ? 3   TYR B O    1 
ATOM   214 C CB   . TYR B 1 3 ? 4.926  0.203   0.405  1.00 4.36  ? 3   TYR B CB   1 
ATOM   215 C CG   . TYR B 1 3 ? 4.732  -0.856  1.462  1.00 4.94  ? 3   TYR B CG   1 
ATOM   216 C CD1  . TYR B 1 3 ? 4.781  -2.207  1.148  1.00 5.78  ? 3   TYR B CD1  1 
ATOM   217 C CD2  . TYR B 1 3 ? 4.431  -0.518  2.782  1.00 5.62  ? 3   TYR B CD2  1 
ATOM   218 C CE1  . TYR B 1 3 ? 4.526  -3.199  2.101  1.00 7.08  ? 3   TYR B CE1  1 
ATOM   219 C CE2  . TYR B 1 3 ? 4.169  -1.503  3.735  1.00 6.48  ? 3   TYR B CE2  1 
ATOM   220 C CZ   . TYR B 1 3 ? 4.204  -2.849  3.395  1.00 7.31  ? 3   TYR B CZ   1 
ATOM   221 O OH   . TYR B 1 3 ? 3.928  -3.775  4.341  1.00 8.56  ? 3   TYR B OH   1 
ATOM   222 H H    . TYR B 1 3 ? 3.849  -0.706  -2.099 1.00 4.51  ? 3   TYR B H    1 
ATOM   223 H HA   . TYR B 1 3 ? 2.884  0.592   0.321  1.00 4.59  ? 3   TYR B HA   1 
ATOM   224 H HB2  . TYR B 1 3 ? 5.593  -0.094  -0.239 1.00 5.23  ? 3   TYR B HB2  1 
ATOM   225 H HB3  . TYR B 1 3 ? 5.246  1.029   0.825  1.00 5.23  ? 3   TYR B HB3  1 
ATOM   226 H HD1  . TYR B 1 3 ? 4.964  -2.464  0.260  1.00 6.94  ? 3   TYR B HD1  1 
ATOM   227 H HD2  . TYR B 1 3 ? 4.363  0.390   3.025  1.00 6.74  ? 3   TYR B HD2  1 
ATOM   228 H HE1  . TYR B 1 3 ? 4.552  -4.109  1.854  1.00 8.49  ? 3   TYR B HE1  1 
ATOM   229 H HE2  . TYR B 1 3 ? 3.952  -1.252  4.617  1.00 7.78  ? 3   TYR B HE2  1 
ATOM   230 H HH   . TYR B 1 3 ? 4.491  -4.421  4.298  1.00 10.27 ? 3   TYR B HH   1 
HETATM 231 N N    . DTR B 1 4 ? 2.700  2.652   -1.016 1.00 3.44  ? 4   DTR B N    1 
HETATM 232 C CA   . DTR B 1 4 ? 2.670  3.854   -1.811 1.00 3.37  ? 4   DTR B CA   1 
HETATM 233 C CB   . DTR B 1 4 ? 1.537  4.771   -1.355 1.00 3.45  ? 4   DTR B CB   1 
HETATM 234 C CG   . DTR B 1 4 ? 1.605  6.103   -2.022 1.00 3.56  ? 4   DTR B CG   1 
HETATM 235 C CD1  . DTR B 1 4 ? 2.307  7.193   -1.573 1.00 4.10  ? 4   DTR B CD1  1 
HETATM 236 N NE1  . DTR B 1 4 ? 2.263  8.209   -2.475 1.00 4.49  ? 4   DTR B NE1  1 
HETATM 237 C CE2  . DTR B 1 4 ? 1.487  7.827   -3.536 1.00 4.31  ? 4   DTR B CE2  1 
HETATM 238 C CZ2  . DTR B 1 4 ? 1.127  8.537   -4.662 1.00 4.92  ? 4   DTR B CZ2  1 
HETATM 239 C CH2  . DTR B 1 4 ? 0.255  7.929   -5.527 1.00 5.40  ? 4   DTR B CH2  1 
HETATM 240 C CZ3  . DTR B 1 4 ? -0.194 6.619   -5.316 1.00 5.53  ? 4   DTR B CZ3  1 
HETATM 241 C CE3  . DTR B 1 4 ? 0.187  5.892   -4.211 1.00 4.68  ? 4   DTR B CE3  1 
HETATM 242 C CD2  . DTR B 1 4 ? 1.036  6.493   -3.286 1.00 3.87  ? 4   DTR B CD2  1 
HETATM 243 C C    . DTR B 1 4 ? 2.477  3.469   -3.296 1.00 3.80  ? 4   DTR B C    1 
HETATM 244 O O    . DTR B 1 4 ? 1.566  2.742   -3.647 1.00 4.80  ? 4   DTR B O    1 
HETATM 245 H H    . DTR B 1 4 ? 1.959  2.473   -0.354 1.00 4.13  ? 4   DTR B H    1 
HETATM 246 H HA   . DTR B 1 4 ? 3.526  4.329   -1.697 1.00 4.04  ? 4   DTR B HA   1 
HETATM 247 H HB2  . DTR B 1 4 ? 1.596  4.888   -0.386 1.00 4.14  ? 4   DTR B HB2  1 
HETATM 248 H HB3  . DTR B 1 4 ? 0.682  4.343   -1.562 1.00 4.14  ? 4   DTR B HB3  1 
HETATM 249 H HD1  . DTR B 1 4 ? 2.832  7.206   -0.791 1.00 4.92  ? 4   DTR B HD1  1 
HETATM 250 H HE1  . DTR B 1 4 ? 2.645  8.985   -2.377 1.00 5.38  ? 4   DTR B HE1  1 
HETATM 251 H HZ2  . DTR B 1 4 ? 1.413  9.423   -4.793 1.00 5.90  ? 4   DTR B HZ2  1 
HETATM 252 H HH2  . DTR B 1 4 ? 0.004  8.379   -6.312 1.00 6.48  ? 4   DTR B HH2  1 
HETATM 253 H HZ3  . DTR B 1 4 ? -0.756 6.218   -5.960 1.00 6.63  ? 4   DTR B HZ3  1 
HETATM 254 H HE3  . DTR B 1 4 ? -0.137 5.015   -4.071 1.00 5.62  ? 4   DTR B HE3  1 
HETATM 255 N N    . DNP B 1 5 ? 3.372  4.002   -4.137 1.00 4.17  ? 5   DNP B N    1 
HETATM 256 C CA   . DNP B 1 5 ? 3.263  3.846   -5.582 1.00 5.35  ? 5   DNP B CA   1 
HETATM 257 C CB   . DNP B 1 5 ? 3.969  5.093   -6.259 1.00 6.77  ? 5   DNP B CB   1 
HETATM 258 N NG   . DNP B 1 5 ? 3.408  6.354   -5.843 1.00 7.68  ? 5   DNP B NG   1 
HETATM 259 C C    . DNP B 1 5 ? 3.990  2.644   -6.122 1.00 4.83  ? 5   DNP B C    1 
HETATM 260 O O    . DNP B 1 5 ? 4.060  2.525   -7.357 1.00 5.45  ? 5   DNP B O    1 
HETATM 261 H H    . DNP B 1 5 ? 4.151  4.525   -3.763 1.00 5.00  ? 5   DNP B H    1 
HETATM 262 H HA   . DNP B 1 5 ? 2.316  3.818   -5.850 1.00 6.42  ? 5   DNP B HA   1 
HETATM 263 H HB2  . DNP B 1 5 ? 3.883  5.015   -7.230 1.00 8.12  ? 5   DNP B HB2  1 
HETATM 264 H HB3  . DNP B 1 5 ? 4.921  5.075   -6.033 1.00 8.12  ? 5   DNP B HB3  1 
HETATM 265 H HG1  . DNP B 1 5 ? 2.671  6.542   -6.338 1.00 9.21  ? 5   DNP B HG1  1 
HETATM 266 H HG2  . DNP B 1 5 ? 4.021  7.011   -5.951 1.00 9.21  ? 5   DNP B HG2  1 
HETATM 267 H HG3  . DNP B 1 5 ? 3.180  6.313   -4.971 1.00 9.21  ? 5   DNP B HG3  1 
ATOM   268 N N    . VAL B 1 6 ? 4.529  1.825   -5.232 1.00 4.71  ? 6   VAL B N    1 
ATOM   269 C CA   . VAL B 1 6 ? 5.335  0.662   -5.551 1.00 4.73  ? 6   VAL B CA   1 
ATOM   270 C C    . VAL B 1 6 ? 4.549  -0.604  -5.194 1.00 4.32  ? 6   VAL B C    1 
ATOM   271 O O    . VAL B 1 6 ? 4.124  -0.796  -4.049 1.00 4.84  ? 6   VAL B O    1 
ATOM   272 C CB   . VAL B 1 6 ? 6.672  0.706   -4.766 1.00 5.78  ? 6   VAL B CB   1 
ATOM   273 C CG1  . VAL B 1 6 ? 7.462  -0.591  -5.005 1.00 6.52  ? 6   VAL B CG1  1 
ATOM   274 C CG2  . VAL B 1 6 ? 7.466  1.906   -5.168 1.00 6.46  ? 6   VAL B CG2  1 
ATOM   275 H H    . VAL B 1 6 ? 4.373  2.020   -4.255 1.00 5.65  ? 6   VAL B H    1 
ATOM   276 H HA   . VAL B 1 6 ? 5.527  0.663   -6.503 1.00 5.68  ? 6   VAL B HA   1 
ATOM   277 H HB   . VAL B 1 6 ? 6.462  0.774   -3.802 1.00 6.94  ? 6   VAL B HB   1 
ATOM   278 H HG11 . VAL B 1 6 ? 7.161  -1.276  -4.381 1.00 7.82  ? 6   VAL B HG11 1 
ATOM   279 H HG12 . VAL B 1 6 ? 8.410  -0.426  -4.867 1.00 7.82  ? 6   VAL B HG12 1 
ATOM   280 H HG13 . VAL B 1 6 ? 7.317  -0.898  -5.917 1.00 7.82  ? 6   VAL B HG13 1 
ATOM   281 H HG21 . VAL B 1 6 ? 7.545  1.935   -6.136 1.00 7.75  ? 6   VAL B HG21 1 
ATOM   282 H HG22 . VAL B 1 6 ? 8.354  1.855   -4.773 1.00 7.75  ? 6   VAL B HG22 1 
ATOM   283 H HG23 . VAL B 1 6 ? 7.021  2.711   -4.854 1.00 7.75  ? 6   VAL B HG23 1 
ATOM   284 N N    . CYS B 1 7 ? 4.349  -1.482  -6.184 1.00 4.05  ? 7   CYS B N    1 
ATOM   285 C CA   . CYS B 1 7 ? 3.392  -2.579  -6.069 1.00 3.96  ? 7   CYS B CA   1 
ATOM   286 C C    . CYS B 1 7 ? 3.934  -3.867  -6.710 1.00 4.12  ? 7   CYS B C    1 
ATOM   287 O O    . CYS B 1 7 ? 4.672  -3.835  -7.680 1.00 4.64  ? 7   CYS B O    1 
ATOM   288 C CB   . CYS B 1 7 ? 2.094  -2.211  -6.820 1.00 4.23  ? 7   CYS B CB   1 
ATOM   289 S SG   . CYS B 1 7 ? 1.264  -0.712  -6.211 1.00 4.18  ? 7   CYS B SG   1 
ATOM   290 H H    . CYS B 1 7 ? 4.878  -1.391  -7.039 1.00 4.86  ? 7   CYS B H    1 
ATOM   291 H HA   . CYS B 1 7 ? 3.190  -2.738  -5.115 1.00 4.75  ? 7   CYS B HA   1 
ATOM   292 H HB2  . CYS B 1 7 ? 2.305  -2.081  -7.778 1.00 5.08  ? 7   CYS B HB2  1 
ATOM   293 H HB3  . CYS B 1 7 ? 1.459  -2.967  -6.753 1.00 5.08  ? 7   CYS B HB3  1 
ATOM   294 N N    . THR B 1 8 ? 3.424  -4.985  -6.186 1.00 4.33  ? 8   THR B N    1 
ATOM   295 C CA   . THR B 1 8 ? 3.612  -6.317  -6.770 1.00 4.61  ? 8   THR B CA   1 
ATOM   296 C C    . THR B 1 8 ? 2.272  -7.037  -6.816 1.00 4.69  ? 8   THR B C    1 
ATOM   297 O O    . THR B 1 8 ? 1.298  -6.575  -6.232 1.00 6.71  ? 8   THR B O    1 
ATOM   298 C CB   . THR B 1 8 ? 4.679  -7.112  -6.020 1.00 6.47  ? 8   THR B CB   1 
ATOM   299 O OG1  . THR B 1 8 ? 4.995  -8.306  -6.713 1.00 8.09  ? 8   THR B OG1  1 
ATOM   300 C CG2  . THR B 1 8 ? 4.266  -7.491  -4.633 1.00 7.68  ? 8   THR B CG2  1 
ATOM   301 H H    . THR B 1 8 ? 2.874  -4.912  -5.342 1.00 5.19  ? 8   THR B H    1 
ATOM   302 H HA   . THR B 1 8 ? 3.924  -6.193  -7.701 1.00 5.54  ? 8   THR B HA   1 
ATOM   303 H HB   . THR B 1 8 ? 5.493  -6.553  -5.963 1.00 7.76  ? 8   THR B HB   1 
ATOM   304 H HG1  . THR B 1 8 ? 5.819  -8.329  -6.875 1.00 9.70  ? 8   THR B HG1  1 
ATOM   305 H HG21 . THR B 1 8 ? 3.736  -6.759  -4.231 1.00 9.22  ? 8   THR B HG21 1 
ATOM   306 H HG22 . THR B 1 8 ? 5.070  -7.654  -4.082 1.00 9.22  ? 8   THR B HG22 1 
ATOM   307 H HG23 . THR B 1 8 ? 3.717  -8.314  -4.664 1.00 9.22  ? 8   THR B HG23 1 
HETATM 308 N N    . NH2 B 1 9 ? 2.244  -8.201  -7.421 1.00 5.73  ? 9   NH2 B N    1 
HETATM 309 H HN1  . NH2 B 1 9 ? 2.393  -9.022  -6.941 1.00 6.87  ? 9   NH2 B HN1  1 
HETATM 310 H HN2  . NH2 B 1 9 ? 2.063  -8.258  -8.365 1.00 6.87  ? 9   NH2 B HN2  1 
HETATM 311 C C1   . EOH C 2 . ? 1.195  10.596  1.096  1.00 10.84 ? 101 EOH A C1   1 
HETATM 312 C C2   . EOH C 2 . ? 2.720  10.636  1.384  1.00 10.77 ? 101 EOH A C2   1 
HETATM 313 O O    . EOH C 2 . ? 0.468  11.024  2.252  1.00 10.84 ? 101 EOH A O    1 
HETATM 314 H H11  . EOH C 2 . ? 0.926  9.682   0.857  1.00 13.00 ? 101 EOH A H11  1 
HETATM 315 H H12  . EOH C 2 . ? 0.985  11.185  0.339  1.00 13.00 ? 101 EOH A H12  1 
HETATM 316 H H21  . EOH C 2 . ? 3.208  10.390  0.581  1.00 12.93 ? 101 EOH A H21  1 
HETATM 317 H H22  . EOH C 2 . ? 2.932  10.010  2.095  1.00 12.93 ? 101 EOH A H22  1 
HETATM 318 H H23  . EOH C 2 . ? 2.975  11.532  1.655  1.00 12.93 ? 101 EOH A H23  1 
HETATM 319 H HO   . EOH C 2 . ? 0.240  10.344  2.703  1.00 13.00 ? 101 EOH A HO   1 
HETATM 320 C C1   . EOH D 2 . ? 4.267  9.456   -7.217 1.00 8.67  ? 101 EOH B C1   1 
HETATM 321 C C2   . EOH D 2 . ? 5.706  9.081   -7.111 1.00 10.28 ? 101 EOH B C2   1 
HETATM 322 O O    . EOH D 2 . ? 3.358  8.437   -7.763 1.00 7.70  ? 101 EOH B O    1 
HETATM 323 H H11  . EOH D 2 . ? 4.202  10.259  -7.778 1.00 10.40 ? 101 EOH B H11  1 
HETATM 324 H H12  . EOH D 2 . ? 3.949  9.701   -6.320 1.00 10.40 ? 101 EOH B H12  1 
HETATM 325 H H21  . EOH D 2 . ? 6.236  9.876   -6.940 1.00 12.34 ? 101 EOH B H21  1 
HETATM 326 H H22  . EOH D 2 . ? 5.996  8.670   -7.942 1.00 12.34 ? 101 EOH B H22  1 
HETATM 327 H H23  . EOH D 2 . ? 5.824  8.451   -6.381 1.00 12.34 ? 101 EOH B H23  1 
HETATM 328 H HO   . EOH D 2 . ? 3.814  7.766   -8.011 1.00 9.24  ? 101 EOH B HO   1 
HETATM 329 O O    . HOH E 3 . ? -3.530 4.240   -3.269 1.00 19.59 ? 201 HOH A O    1 
HETATM 330 O O    . HOH E 3 . ? 0.395  8.519   3.599  1.00 7.53  ? 202 HOH A O    1 
HETATM 331 O O    . HOH E 3 . ? -1.500 -1.697  -0.551 1.00 7.22  ? 203 HOH A O    1 
HETATM 332 O O    . HOH E 3 . ? -3.150 -11.966 4.186  1.00 9.97  ? 204 HOH A O    1 
HETATM 333 O O    . HOH F 3 . ? -0.372 -4.550  -5.806 1.00 8.40  ? 201 HOH B O    1 
HETATM 334 O O    . HOH F 3 . ? 3.164  0.480   -9.021 1.00 6.13  ? 202 HOH B O    1 
HETATM 335 O O    . HOH F 3 . ? -1.093 2.443   -2.785 1.00 9.65  ? 203 HOH B O    1 
HETATM 336 O O    . HOH F 3 . ? 5.495  -6.358  3.723  1.00 15.72 ? 204 HOH B O    1 
# 
loop_
_atom_site_anisotrop.id 
_atom_site_anisotrop.type_symbol 
_atom_site_anisotrop.pdbx_label_atom_id 
_atom_site_anisotrop.pdbx_label_alt_id 
_atom_site_anisotrop.pdbx_label_comp_id 
_atom_site_anisotrop.pdbx_label_asym_id 
_atom_site_anisotrop.pdbx_label_seq_id 
_atom_site_anisotrop.pdbx_PDB_ins_code 
_atom_site_anisotrop.U[1][1] 
_atom_site_anisotrop.U[2][2] 
_atom_site_anisotrop.U[3][3] 
_atom_site_anisotrop.U[1][2] 
_atom_site_anisotrop.U[1][3] 
_atom_site_anisotrop.U[2][3] 
_atom_site_anisotrop.pdbx_auth_seq_id 
_atom_site_anisotrop.pdbx_auth_comp_id 
_atom_site_anisotrop.pdbx_auth_asym_id 
_atom_site_anisotrop.pdbx_auth_atom_id 
1   N N   . 4J2 A 1 ? 0.0606 0.0655 0.0562 0.0023  0.0157  0.0203  1   4J2 A N   
2   C CA  . 4J2 A 1 ? 0.0551 0.0527 0.0591 0.0046  0.0146  0.0192  1   4J2 A CA  
3   C CB  . 4J2 A 1 ? 0.0582 0.0567 0.0809 0.0002  0.0063  0.0227  1   4J2 A CB  
4   C CG  . 4J2 A 1 ? 0.0612 0.0532 0.0718 0.0009  0.0138  0.0136  1   4J2 A CG  
5   C CD1 . 4J2 A 1 ? 0.0713 0.0584 0.0592 -0.0009 0.0153  0.0129  1   4J2 A CD1 
6   C CD2 . 4J2 A 1 ? 0.0638 0.0508 0.0749 0.0038  0.0161  0.0100  1   4J2 A CD2 
7   C CE1 . 4J2 A 1 ? 0.0732 0.0548 0.0584 0.0051  0.0152  0.0063  1   4J2 A CE1 
8   C CZ1 . 4J2 A 1 ? 0.0812 0.0480 0.0575 0.0025  0.0127  0.0038  1   4J2 A CZ1 
9   C CZ2 . 4J2 A 1 ? 0.0897 0.0462 0.0649 0.0046  0.0074  0.0009  1   4J2 A CZ2 
10  C CZ3 . 4J2 A 1 ? 0.0999 0.0475 0.0649 0.0006  0.0079  0.0049  1   4J2 A CZ3 
11  C CE2 . 4J2 A 1 ? 0.0777 0.0503 0.0620 0.0020  0.0162  0.0068  1   4J2 A CE2 
12  C CE3 . 4J2 A 1 ? 0.0900 0.0598 0.0665 -0.0029 0.0184  0.0083  1   4J2 A CE3 
13  C CE4 . 4J2 A 1 ? 0.0972 0.0604 0.0603 -0.0064 0.0203  0.0095  1   4J2 A CE4 
14  C C   . 4J2 A 1 ? 0.0571 0.0474 0.0448 0.0049  0.0207  0.0096  1   4J2 A C   
16  O O   . 4J2 A 1 ? 0.0875 0.0449 0.0569 0.0012  0.0259  0.0019  1   4J2 A O   
29  N N   . CYS A 2 ? 0.0498 0.0419 0.0381 0.0019  0.0114  0.0088  2   CYS A N   
30  C CA  . CYS A 2 ? 0.0450 0.0385 0.0417 -0.0015 0.0106  0.0055  2   CYS A CA  
31  C C   . CYS A 2 ? 0.0462 0.0364 0.0384 0.0017  0.0146  0.0037  2   CYS A C   
32  O O   . CYS A 2 ? 0.0546 0.0583 0.0403 0.0049  0.0194  0.0095  2   CYS A O   
33  C CB  . CYS A 2 ? 0.0518 0.0480 0.0545 -0.0013 0.0061  -0.0065 2   CYS A CB  
34  S SG  . CYS A 2 ? 0.0494 0.0660 0.0483 -0.0002 0.0020  -0.0068 2   CYS A SG  
39  N N   . TYR A 3 ? 0.0417 0.0433 0.0330 -0.0006 0.0138  0.0032  3   TYR A N   
40  C CA  . TYR A 3 ? 0.0439 0.0477 0.0381 0.0045  0.0112  0.0032  3   TYR A CA  
41  C C   . TYR A 3 ? 0.0524 0.0430 0.0396 0.0069  0.0116  0.0021  3   TYR A C   
42  O O   . TYR A 3 ? 0.0565 0.0397 0.0416 0.0042  0.0168  -0.0005 3   TYR A O   
43  C CB  . TYR A 3 ? 0.0484 0.0515 0.0458 0.0007  0.0039  0.0035  3   TYR A CB  
44  C CG  . TYR A 3 ? 0.0506 0.0534 0.0426 -0.0038 0.0039  -0.0007 3   TYR A CG  
45  C CD1 . TYR A 3 ? 0.0546 0.0505 0.0501 -0.0033 0.0020  -0.0015 3   TYR A CD1 
46  C CD2 . TYR A 3 ? 0.0548 0.0597 0.0441 -0.0058 0.0069  -0.0041 3   TYR A CD2 
47  C CE1 . TYR A 3 ? 0.0669 0.0490 0.0622 -0.0030 0.0032  -0.0091 3   TYR A CE1 
48  C CE2 . TYR A 3 ? 0.0659 0.0625 0.0547 -0.0149 0.0136  -0.0095 3   TYR A CE2 
49  C CZ  . TYR A 3 ? 0.0835 0.0531 0.0695 -0.0172 0.0072  -0.0047 3   TYR A CZ  
50  O OH  . TYR A 3 ? 0.0966 0.0599 0.1019 -0.0159 0.0025  0.0037  3   TYR A OH  
60  N N   . DTR A 4 ? 0.0579 0.0508 0.0472 0.0067  0.0180  -0.0060 4   DTR A N   
61  C CA  A DTR A 4 ? 0.0587 0.0455 0.0617 0.0101  0.0161  -0.0101 4   DTR A CA  
62  C CA  B DTR A 4 ? 0.0632 0.0475 0.0644 0.0076  0.0153  -0.0077 4   DTR A CA  
63  C CB  A DTR A 4 ? 0.0534 0.0513 0.0704 0.0116  0.0151  -0.0169 4   DTR A CB  
64  C CB  B DTR A 4 ? 0.0684 0.0485 0.0867 0.0080  0.0074  -0.0081 4   DTR A CB  
65  C CG  A DTR A 4 ? 0.0508 0.0499 0.0548 0.0180  0.0095  -0.0134 4   DTR A CG  
66  C CG  B DTR A 4 ? 0.0755 0.0475 0.1039 0.0089  -0.0026 -0.0054 4   DTR A CG  
67  C CD1 A DTR A 4 ? 0.0599 0.0439 0.0595 0.0168  -0.0042 -0.0096 4   DTR A CD1 
68  C CD1 B DTR A 4 ? 0.0840 0.0534 0.1163 0.0056  -0.0116 -0.0017 4   DTR A CD1 
69  N NE1 A DTR A 4 ? 0.0648 0.0410 0.0464 0.0176  -0.0067 -0.0022 4   DTR A NE1 
70  N NE1 B DTR A 4 ? 0.0860 0.0544 0.1166 0.0047  -0.0123 -0.0006 4   DTR A NE1 
71  C CE2 A DTR A 4 ? 0.0528 0.0530 0.0397 0.0187  0.0023  0.0027  4   DTR A CE2 
72  C CE2 B DTR A 4 ? 0.0796 0.0602 0.1043 0.0037  -0.0034 -0.0014 4   DTR A CE2 
73  C CZ2 A DTR A 4 ? 0.0538 0.0670 0.0646 0.0035  0.0043  0.0145  4   DTR A CZ2 
74  C CZ2 B DTR A 4 ? 0.0758 0.0687 0.1031 0.0019  -0.0009 0.0019  4   DTR A CZ2 
75  C CH2 A DTR A 4 ? 0.0565 0.0789 0.0819 -0.0048 0.0015  0.0188  4   DTR A CH2 
76  C CH2 B DTR A 4 ? 0.0745 0.0743 0.0980 -0.0005 0.0015  0.0037  4   DTR A CH2 
77  C CZ3 A DTR A 4 ? 0.0616 0.0827 0.0811 -0.0057 -0.0098 0.0261  4   DTR A CZ3 
78  C CZ3 B DTR A 4 ? 0.0766 0.0681 0.0954 0.0002  0.0011  0.0010  4   DTR A CZ3 
79  C CE3 A DTR A 4 ? 0.0558 0.0766 0.0487 -0.0001 0.0008  0.0220  4   DTR A CE3 
80  C CE3 B DTR A 4 ? 0.0726 0.0555 0.0915 0.0043  0.0035  -0.0031 4   DTR A CE3 
81  C CD2 A DTR A 4 ? 0.0503 0.0588 0.0416 0.0165  0.0065  0.0006  4   DTR A CD2 
82  C CD2 B DTR A 4 ? 0.0748 0.0532 0.0971 0.0073  0.0014  -0.0061 4   DTR A CD2 
83  C C   . DTR A 4 ? 0.0627 0.0454 0.0572 0.0082  0.0215  -0.0099 4   DTR A C   
84  O O   . DTR A 4 ? 0.0616 0.0697 0.0709 0.0069  0.0209  -0.0054 4   DTR A O   
103 N N   A DNP A 5 ? 0.0654 0.0419 0.0732 0.0006  0.0217  -0.0115 5   DNP A N   
104 N N   B DNP A 5 ? 0.0653 0.0493 0.0455 0.0000  0.0242  -0.0069 5   DNP A N   
105 C CA  A DNP A 5 ? 0.0611 0.0525 0.0810 -0.0030 0.0230  -0.0161 5   DNP A CA  
106 C CA  B DNP A 5 ? 0.0660 0.0527 0.0445 -0.0057 0.0220  -0.0030 5   DNP A CA  
107 C CB  A DNP A 5 ? 0.0629 0.0576 0.0984 -0.0014 0.0148  -0.0127 5   DNP A CB  
108 C CB  B DNP A 5 ? 0.0672 0.0421 0.0464 -0.0064 0.0183  0.0006  5   DNP A CB  
109 N NG  A DNP A 5 ? 0.0651 0.0582 0.0987 0.0014  0.0078  -0.0045 5   DNP A NG  
110 N NG  B DNP A 5 ? 0.0681 0.0379 0.0528 -0.0069 0.0145  0.0019  5   DNP A NG  
111 C C   A DNP A 5 ? 0.0557 0.0557 0.0740 -0.0014 0.0255  -0.0169 5   DNP A C   
112 C C   B DNP A 5 ? 0.0590 0.0584 0.0439 -0.0054 0.0246  -0.0010 5   DNP A C   
113 O O   A DNP A 5 ? 0.0577 0.0635 0.0977 -0.0015 0.0214  -0.0274 5   DNP A O   
114 O O   B DNP A 5 ? 0.0531 0.0733 0.0461 -0.0093 0.0279  -0.0012 5   DNP A O   
129 N N   . VAL A 6 ? 0.0532 0.0449 0.0462 0.0037  0.0234  -0.0006 6   VAL A N   
130 C CA  . VAL A 6 ? 0.0537 0.0428 0.0412 0.0103  0.0204  0.0023  6   VAL A CA  
131 C C   . VAL A 6 ? 0.0537 0.0464 0.0387 0.0154  0.0193  0.0058  6   VAL A C   
132 O O   . VAL A 6 ? 0.0514 0.0716 0.0574 0.0190  0.0263  0.0207  6   VAL A O   
133 C CB  . VAL A 6 ? 0.0618 0.0430 0.0422 0.0045  0.0155  0.0043  6   VAL A CB  
134 C CG1 . VAL A 6 ? 0.0676 0.0435 0.0522 0.0045  0.0076  -0.0020 6   VAL A CG1 
135 C CG2 . VAL A 6 ? 0.0694 0.0480 0.0469 0.0035  0.0084  0.0095  6   VAL A CG2 
145 N N   . CYS A 7 ? 0.0482 0.0421 0.0380 0.0083  0.0157  -0.0019 7   CYS A N   
146 C CA  . CYS A 7 ? 0.0469 0.0430 0.0381 0.0110  0.0106  -0.0035 7   CYS A CA  
147 C C   . CYS A 7 ? 0.0471 0.0447 0.0451 0.0115  0.0070  -0.0083 7   CYS A C   
148 O O   . CYS A 7 ? 0.0513 0.0618 0.0568 0.0023  0.0178  -0.0189 7   CYS A O   
149 C CB  . CYS A 7 ? 0.0612 0.0463 0.0485 0.0119  -0.0017 -0.0083 7   CYS A CB  
150 S SG  . CYS A 7 ? 0.0592 0.0521 0.0494 -0.0025 0.0081  -0.0130 7   CYS A SG  
155 N N   . THR A 8 ? 0.0648 0.0474 0.0387 0.0023  0.0082  -0.0048 8   THR A N   
156 C CA  . THR A 8 ? 0.0693 0.0421 0.0430 0.0081  0.0020  -0.0019 8   THR A CA  
157 C C   . THR A 8 ? 0.0671 0.0491 0.0514 0.0094  0.0012  -0.0001 8   THR A C   
158 O O   . THR A 8 ? 0.0796 0.0446 0.0815 0.0117  -0.0146 -0.0046 8   THR A O   
159 C CB  . THR A 8 ? 0.0717 0.0503 0.0473 0.0078  -0.0035 0.0001  8   THR A CB  
160 O OG1 . THR A 8 ? 0.0647 0.0773 0.0605 -0.0050 -0.0030 0.0124  8   THR A OG1 
161 C CG2 . THR A 8 ? 0.0804 0.0605 0.0583 0.0122  -0.0122 0.0018  8   THR A CG2 
169 N N   . NH2 A 9 ? 0.0767 0.0550 0.0563 0.0072  -0.0069 0.0031  9   NH2 A N   
172 N N   . 4J2 B 1 ? 0.0753 0.0425 0.0868 0.0016  0.0002  0.0017  1   4J2 B N   
173 C CA  . 4J2 B 1 ? 0.0811 0.0415 0.0616 0.0092  0.0052  -0.0091 1   4J2 B CA  
174 C CB  . 4J2 B 1 ? 0.0818 0.0428 0.0677 0.0118  -0.0011 -0.0047 1   4J2 B CB  
175 C CG  . 4J2 B 1 ? 0.0805 0.0461 0.0586 0.0149  -0.0034 -0.0049 1   4J2 B CG  
176 C CD1 . 4J2 B 1 ? 0.0802 0.0536 0.0639 0.0206  -0.0098 -0.0073 1   4J2 B CD1 
177 C CD2 . 4J2 B 1 ? 0.0856 0.0554 0.0599 0.0133  -0.0059 -0.0103 1   4J2 B CD2 
178 C CE1 . 4J2 B 1 ? 0.0832 0.0496 0.0617 0.0258  -0.0182 -0.0087 1   4J2 B CE1 
179 C CZ1 . 4J2 B 1 ? 0.0904 0.0526 0.0547 0.0189  -0.0225 -0.0058 1   4J2 B CZ1 
180 C CZ2 . 4J2 B 1 ? 0.1059 0.0525 0.0656 0.0117  -0.0363 0.0074  1   4J2 B CZ2 
181 C CZ3 . 4J2 B 1 ? 0.1119 0.0666 0.0694 -0.0038 -0.0376 0.0178  1   4J2 B CZ3 
182 C CE2 . 4J2 B 1 ? 0.0906 0.0677 0.0506 0.0058  -0.0125 -0.0014 1   4J2 B CE2 
183 C CE3 . 4J2 B 1 ? 0.0927 0.0820 0.0648 -0.0042 -0.0152 0.0079  1   4J2 B CE3 
184 C CE4 . 4J2 B 1 ? 0.1029 0.0862 0.0694 -0.0106 -0.0251 0.0156  1   4J2 B CE4 
185 C C   . 4J2 B 1 ? 0.0734 0.0463 0.0483 0.0122  0.0160  -0.0089 1   4J2 B C   
187 O O   . 4J2 B 1 ? 0.0852 0.0508 0.0620 0.0145  0.0212  -0.0101 1   4J2 B O   
200 N N   . CYS B 2 ? 0.0585 0.0392 0.0541 0.0061  0.0181  -0.0080 2   CYS B N   
201 C CA  . CYS B 2 ? 0.0539 0.0387 0.0471 0.0072  0.0169  -0.0086 2   CYS B CA  
202 C C   . CYS B 2 ? 0.0583 0.0401 0.0431 0.0049  0.0150  -0.0038 2   CYS B C   
203 O O   . CYS B 2 ? 0.0703 0.0497 0.0452 -0.0065 0.0209  -0.0068 2   CYS B O   
204 C CB  . CYS B 2 ? 0.0519 0.0454 0.0520 0.0065  0.0131  -0.0053 2   CYS B CB  
205 S SG  . CYS B 2 ? 0.0411 0.0562 0.0501 0.0060  0.0133  -0.0048 2   CYS B SG  
210 N N   . TYR B 3 ? 0.0562 0.0477 0.0392 0.0008  0.0157  -0.0054 3   TYR B N   
211 C CA  . TYR B 3 ? 0.0566 0.0487 0.0400 0.0018  0.0135  -0.0046 3   TYR B CA  
212 C C   . TYR B 3 ? 0.0534 0.0485 0.0410 0.0002  0.0153  -0.0067 3   TYR B C   
213 O O   . TYR B 3 ? 0.0493 0.0560 0.0515 0.0019  0.0210  -0.0055 3   TYR B O   
214 C CB  . TYR B 3 ? 0.0625 0.0553 0.0479 0.0036  0.0094  -0.0009 3   TYR B CB  
215 C CG  . TYR B 3 ? 0.0724 0.0724 0.0431 0.0007  0.0124  0.0031  3   TYR B CG  
216 C CD1 . TYR B 3 ? 0.1017 0.0757 0.0423 -0.0179 0.0082  0.0071  3   TYR B CD1 
217 C CD2 . TYR B 3 ? 0.0838 0.0843 0.0454 0.0088  0.0076  -0.0008 3   TYR B CD2 
218 C CE1 . TYR B 3 ? 0.1179 0.0927 0.0582 -0.0290 -0.0025 0.0195  3   TYR B CE1 
219 C CE2 . TYR B 3 ? 0.0933 0.1067 0.0464 -0.0042 0.0095  0.0082  3   TYR B CE2 
220 C CZ  . TYR B 3 ? 0.1074 0.1189 0.0514 -0.0249 0.0043  0.0248  3   TYR B CZ  
221 O OH  . TYR B 3 ? 0.1238 0.1393 0.0620 -0.0384 -0.0014 0.0366  3   TYR B OH  
231 N N   . DTR B 4 ? 0.0467 0.0471 0.0370 -0.0011 0.0174  -0.0026 4   DTR B N   
232 C CA  . DTR B 4 ? 0.0469 0.0435 0.0375 -0.0026 0.0177  -0.0055 4   DTR B CA  
233 C CB  . DTR B 4 ? 0.0483 0.0472 0.0355 -0.0007 0.0137  -0.0017 4   DTR B CB  
234 C CG  . DTR B 4 ? 0.0492 0.0462 0.0400 -0.0010 0.0133  -0.0022 4   DTR B CG  
235 C CD1 . DTR B 4 ? 0.0513 0.0491 0.0553 0.0003  0.0044  -0.0006 4   DTR B CD1 
236 N NE1 . DTR B 4 ? 0.0565 0.0469 0.0671 -0.0068 0.0066  0.0017  4   DTR B NE1 
237 C CE2 . DTR B 4 ? 0.0599 0.0522 0.0516 -0.0009 0.0129  0.0039  4   DTR B CE2 
238 C CZ2 . DTR B 4 ? 0.0751 0.0589 0.0528 -0.0011 0.0091  0.0093  4   DTR B CZ2 
239 C CH2 . DTR B 4 ? 0.0865 0.0701 0.0487 0.0008  0.0007  0.0057  4   DTR B CH2 
240 C CZ3 . DTR B 4 ? 0.0862 0.0726 0.0511 0.0026  -0.0046 -0.0036 4   DTR B CZ3 
241 C CE3 . DTR B 4 ? 0.0702 0.0633 0.0443 -0.0012 0.0072  -0.0047 4   DTR B CE3 
242 C CD2 . DTR B 4 ? 0.0561 0.0497 0.0413 -0.0023 0.0153  -0.0003 4   DTR B CD2 
243 C C   . DTR B 4 ? 0.0608 0.0432 0.0405 -0.0080 0.0161  -0.0061 4   DTR B C   
244 O O   . DTR B 4 ? 0.0647 0.0613 0.0563 -0.0143 0.0064  -0.0110 4   DTR B O   
255 N N   . DNP B 5 ? 0.0731 0.0490 0.0362 -0.0122 0.0210  -0.0071 5   DNP B N   
256 C CA  . DNP B 5 ? 0.0938 0.0743 0.0353 -0.0108 0.0191  -0.0081 5   DNP B CA  
257 C CB  . DNP B 5 ? 0.1005 0.1066 0.0501 -0.0086 0.0182  -0.0034 5   DNP B CB  
258 N NG  . DNP B 5 ? 0.1180 0.0984 0.0754 -0.0127 0.0031  0.0170  5   DNP B NG  
259 C C   . DNP B 5 ? 0.0713 0.0722 0.0399 -0.0141 0.0249  -0.0110 5   DNP B C   
260 O O   . DNP B 5 ? 0.0824 0.0785 0.0463 -0.0067 0.0142  -0.0116 5   DNP B O   
268 N N   . VAL B 6 ? 0.0570 0.0630 0.0590 -0.0137 0.0280  -0.0239 6   VAL B N   
269 C CA  . VAL B 6 ? 0.0529 0.0729 0.0539 -0.0118 0.0238  -0.0274 6   VAL B CA  
270 C C   . VAL B 6 ? 0.0506 0.0646 0.0492 -0.0050 0.0197  -0.0225 6   VAL B C   
271 O O   . VAL B 6 ? 0.0571 0.0759 0.0509 -0.0089 0.0205  -0.0247 6   VAL B O   
272 C CB  . VAL B 6 ? 0.0539 0.0913 0.0745 -0.0096 0.0192  -0.0427 6   VAL B CB  
273 C CG1 . VAL B 6 ? 0.0522 0.0943 0.1009 0.0031  0.0070  -0.0457 6   VAL B CG1 
274 C CG2 . VAL B 6 ? 0.0553 0.1012 0.0889 -0.0233 0.0238  -0.0465 6   VAL B CG2 
284 N N   . CYS B 7 ? 0.0437 0.0587 0.0514 -0.0053 0.0207  -0.0215 7   CYS B N   
285 C CA  . CYS B 7 ? 0.0436 0.0540 0.0527 -0.0034 0.0208  -0.0170 7   CYS B CA  
286 C C   . CYS B 7 ? 0.0440 0.0563 0.0564 -0.0034 0.0241  -0.0194 7   CYS B C   
287 O O   . CYS B 7 ? 0.0524 0.0614 0.0623 -0.0103 0.0292  -0.0236 7   CYS B O   
288 C CB  . CYS B 7 ? 0.0464 0.0616 0.0527 -0.0028 0.0171  -0.0143 7   CYS B CB  
289 S SG  . CYS B 7 ? 0.0479 0.0565 0.0545 0.0030  0.0154  -0.0059 7   CYS B SG  
294 N N   . THR B 8 ? 0.0515 0.0528 0.0601 0.0002  0.0255  -0.0188 8   THR B N   
295 C CA  . THR B 8 ? 0.0508 0.0568 0.0677 0.0023  0.0272  -0.0212 8   THR B CA  
296 C C   . THR B 8 ? 0.0497 0.0537 0.0750 -0.0022 0.0255  -0.0088 8   THR B C   
297 O O   . THR B 8 ? 0.0512 0.0633 0.1405 0.0005  0.0194  -0.0163 8   THR B O   
298 C CB  . THR B 8 ? 0.0556 0.0728 0.1173 0.0117  0.0055  -0.0236 8   THR B CB  
299 O OG1 . THR B 8 ? 0.0580 0.0758 0.1736 0.0161  -0.0025 -0.0341 8   THR B OG1 
300 C CG2 . THR B 8 ? 0.0855 0.0958 0.1105 -0.0032 -0.0160 -0.0021 8   THR B CG2 
308 N N   . NH2 B 9 ? 0.0653 0.0650 0.0872 -0.0141 0.0197  -0.0216 9   NH2 B N   
311 C C1  . EOH C . ? 0.1616 0.1123 0.1380 0.0017  0.0290  -0.0096 101 EOH A C1  
312 C C2  . EOH C . ? 0.1527 0.1194 0.1372 0.0054  0.0329  -0.0118 101 EOH A C2  
313 O O   . EOH C . ? 0.1653 0.0933 0.1530 0.0103  0.0189  -0.0048 101 EOH A O   
320 C C1  . EOH D . ? 0.1271 0.0958 0.1065 0.0080  -0.0040 0.0161  101 EOH B C1  
321 C C2  . EOH D . ? 0.1407 0.0966 0.1535 0.0080  -0.0278 0.0165  101 EOH B C2  
322 O O   . EOH D . ? 0.1217 0.1021 0.0687 0.0017  0.0155  0.0254  101 EOH B O   
329 O O   . HOH E . ? 0.3267 0.2241 0.1936 -0.0912 -0.0789 -0.0469 201 HOH A O   
330 O O   . HOH E . ? 0.0800 0.0903 0.1159 0.0147  -0.0085 -0.0140 202 HOH A O   
331 O O   . HOH E . ? 0.0905 0.1046 0.0794 -0.0185 0.0095  0.0101  203 HOH A O   
332 O O   . HOH E . ? 0.0816 0.2042 0.0933 -0.0547 0.0033  0.0227  204 HOH A O   
333 O O   . HOH F . ? 0.0559 0.0606 0.2025 0.0048  -0.0081 -0.0283 201 HOH B O   
334 O O   . HOH F . ? 0.0695 0.0783 0.0853 0.0001  -0.0002 -0.0121 202 HOH B O   
335 O O   . HOH F . ? 0.1073 0.1710 0.0886 -0.0765 -0.0090 0.0166  203 HOH B O   
336 O O   . HOH F . ? 0.3879 0.1096 0.0997 -0.0500 0.0067  -0.0020 204 HOH B O   
# 
loop_
_pdbx_poly_seq_scheme.asym_id 
_pdbx_poly_seq_scheme.entity_id 
_pdbx_poly_seq_scheme.seq_id 
_pdbx_poly_seq_scheme.mon_id 
_pdbx_poly_seq_scheme.ndb_seq_num 
_pdbx_poly_seq_scheme.pdb_seq_num 
_pdbx_poly_seq_scheme.auth_seq_num 
_pdbx_poly_seq_scheme.pdb_mon_id 
_pdbx_poly_seq_scheme.auth_mon_id 
_pdbx_poly_seq_scheme.pdb_strand_id 
_pdbx_poly_seq_scheme.pdb_ins_code 
_pdbx_poly_seq_scheme.hetero 
A 1 1 4J2 1 1 1 4J2 NAH A . n 
A 1 2 CYS 2 2 2 CYS CYS A . n 
A 1 3 TYR 3 3 3 TYR TYR A . n 
A 1 4 DTR 4 4 4 DTR DTR A . n 
A 1 5 DNP 5 5 5 DNP DNP A . n 
A 1 6 VAL 6 6 6 VAL VAL A . n 
A 1 7 CYS 7 7 7 CYS CYS A . n 
A 1 8 THR 8 8 8 THR THR A . n 
A 1 9 NH2 9 9 9 NH2 NH2 A . n 
B 1 1 4J2 1 1 1 4J2 NAH B . n 
B 1 2 CYS 2 2 2 CYS CYS B . n 
B 1 3 TYR 3 3 3 TYR TYR B . n 
B 1 4 DTR 4 4 4 DTR DTR B . n 
B 1 5 DNP 5 5 5 DNP DNP B . n 
B 1 6 VAL 6 6 6 VAL VAL B . n 
B 1 7 CYS 7 7 7 CYS CYS B . n 
B 1 8 THR 8 8 8 THR THR B . n 
B 1 9 NH2 9 9 9 NH2 NH2 B . n 
# 
_pdbx_contact_author.id                 2 
_pdbx_contact_author.email              maite.paternostre@i2bc.paris-saclay.fr 
_pdbx_contact_author.name_first         Maite 
_pdbx_contact_author.name_last          Paternostre 
_pdbx_contact_author.name_mi            ? 
_pdbx_contact_author.role               'principal investigator/group leader' 
_pdbx_contact_author.identifier_ORCID   0000-0002-3303-8959 
# 
loop_
_pdbx_nonpoly_scheme.asym_id 
_pdbx_nonpoly_scheme.entity_id 
_pdbx_nonpoly_scheme.mon_id 
_pdbx_nonpoly_scheme.ndb_seq_num 
_pdbx_nonpoly_scheme.pdb_seq_num 
_pdbx_nonpoly_scheme.auth_seq_num 
_pdbx_nonpoly_scheme.pdb_mon_id 
_pdbx_nonpoly_scheme.auth_mon_id 
_pdbx_nonpoly_scheme.pdb_strand_id 
_pdbx_nonpoly_scheme.pdb_ins_code 
C 2 EOH 1 101 10 EOH EOH A . 
D 2 EOH 1 101 11 EOH EOH B . 
E 3 HOH 1 201 9  HOH HOH A . 
E 3 HOH 2 202 3  HOH HOH A . 
E 3 HOH 3 203 2  HOH HOH A . 
E 3 HOH 4 204 4  HOH HOH A . 
F 3 HOH 1 201 1  HOH HOH B . 
F 3 HOH 2 202 10 HOH HOH B . 
F 3 HOH 3 203 12 HOH HOH B . 
F 3 HOH 4 204 11 HOH HOH B . 
# 
_pdbx_struct_assembly.id                   1 
_pdbx_struct_assembly.details              author_defined_assembly 
_pdbx_struct_assembly.method_details       ? 
_pdbx_struct_assembly.oligomeric_details   dimeric 
_pdbx_struct_assembly.oligomeric_count     2 
# 
_pdbx_struct_assembly_gen.assembly_id       1 
_pdbx_struct_assembly_gen.oper_expression   1 
_pdbx_struct_assembly_gen.asym_id_list      A,B,C,D,E,F 
# 
loop_
_pdbx_struct_assembly_prop.biol_id 
_pdbx_struct_assembly_prop.type 
_pdbx_struct_assembly_prop.value 
_pdbx_struct_assembly_prop.details 
1 'ABSA (A^2)' 670  ? 
1 MORE         1    ? 
1 'SSA (A^2)'  2200 ? 
# 
_pdbx_struct_oper_list.id                   1 
_pdbx_struct_oper_list.type                 'identity operation' 
_pdbx_struct_oper_list.name                 1_555 
_pdbx_struct_oper_list.symmetry_operation   x,y,z 
_pdbx_struct_oper_list.matrix[1][1]         1.0000000000 
_pdbx_struct_oper_list.matrix[1][2]         0.0000000000 
_pdbx_struct_oper_list.matrix[1][3]         0.0000000000 
_pdbx_struct_oper_list.vector[1]            0.0000000000 
_pdbx_struct_oper_list.matrix[2][1]         0.0000000000 
_pdbx_struct_oper_list.matrix[2][2]         1.0000000000 
_pdbx_struct_oper_list.matrix[2][3]         0.0000000000 
_pdbx_struct_oper_list.vector[2]            0.0000000000 
_pdbx_struct_oper_list.matrix[3][1]         0.0000000000 
_pdbx_struct_oper_list.matrix[3][2]         0.0000000000 
_pdbx_struct_oper_list.matrix[3][3]         1.0000000000 
_pdbx_struct_oper_list.vector[3]            0.0000000000 
# 
loop_
_pdbx_audit_revision_history.ordinal 
_pdbx_audit_revision_history.data_content_type 
_pdbx_audit_revision_history.major_revision 
_pdbx_audit_revision_history.minor_revision 
_pdbx_audit_revision_history.revision_date 
1 'Structure model' 1 0 2022-02-02 
2 'Structure model' 1 1 2023-09-27 
3 'Structure model' 1 2 2023-10-18 
4 'Structure model' 2 0 2023-11-15 
# 
_pdbx_audit_revision_details.ordinal             1 
_pdbx_audit_revision_details.revision_ordinal    1 
_pdbx_audit_revision_details.data_content_type   'Structure model' 
_pdbx_audit_revision_details.provider            repository 
_pdbx_audit_revision_details.type                'Initial release' 
_pdbx_audit_revision_details.description         ? 
_pdbx_audit_revision_details.details             ? 
# 
loop_
_pdbx_audit_revision_group.ordinal 
_pdbx_audit_revision_group.revision_ordinal 
_pdbx_audit_revision_group.data_content_type 
_pdbx_audit_revision_group.group 
1 2 'Structure model' 'Data collection' 
2 3 'Structure model' 'Data collection' 
3 4 'Structure model' 'Atomic model'    
4 4 'Structure model' 'Data collection' 
# 
loop_
_pdbx_audit_revision_category.ordinal 
_pdbx_audit_revision_category.revision_ordinal 
_pdbx_audit_revision_category.data_content_type 
_pdbx_audit_revision_category.category 
1 2 'Structure model' chem_comp_atom  
2 2 'Structure model' chem_comp_bond  
3 3 'Structure model' emd_author_list 
4 4 'Structure model' atom_site       
5 4 'Structure model' chem_comp_atom  
6 4 'Structure model' chem_comp_bond  
# 
loop_
_pdbx_audit_revision_item.ordinal 
_pdbx_audit_revision_item.revision_ordinal 
_pdbx_audit_revision_item.data_content_type 
_pdbx_audit_revision_item.item 
1 4 'Structure model' '_atom_site.Cartn_x'        
2 4 'Structure model' '_atom_site.Cartn_y'        
3 4 'Structure model' '_atom_site.Cartn_z'        
4 4 'Structure model' '_atom_site.auth_atom_id'   
5 4 'Structure model' '_atom_site.label_atom_id'  
6 4 'Structure model' '_chem_comp_atom.atom_id'   
7 4 'Structure model' '_chem_comp_bond.atom_id_2' 
# 
loop_
_software.citation_id 
_software.classification 
_software.compiler_name 
_software.compiler_version 
_software.contact_author 
_software.contact_author_email 
_software.date 
_software.description 
_software.dependencies 
_software.hardware 
_software.language 
_software.location 
_software.mods 
_software.name 
_software.os 
_software.os_version 
_software.type 
_software.version 
_software.pdbx_ordinal 
? refinement        ? ? ? ? ? ? ? ? ? ? ? REFMAC      ? ? ? 5.8.0267 1 
? 'data extraction' ? ? ? ? ? ? ? ? ? ? ? PDB_EXTRACT ? ? ? 3.27     2 
? 'data reduction'  ? ? ? ? ? ? ? ? ? ? ? XDS         ? ? ? .        3 
? 'data scaling'    ? ? ? ? ? ? ? ? ? ? ? XSCALE      ? ? ? .        4 
? phasing           ? ? ? ? ? ? ? ? ? ? ? SHELXD      ? ? ? .        5 
# 
_pdbx_entry_details.entry_id                 7Q5G 
_pdbx_entry_details.has_ligand_of_interest   N 
_pdbx_entry_details.compound_details         ? 
_pdbx_entry_details.source_details           ? 
_pdbx_entry_details.nonpolymer_details       ? 
_pdbx_entry_details.sequence_details         ? 
# 
loop_
_chem_comp_atom.comp_id 
_chem_comp_atom.atom_id 
_chem_comp_atom.type_symbol 
_chem_comp_atom.pdbx_aromatic_flag 
_chem_comp_atom.pdbx_stereo_config 
_chem_comp_atom.pdbx_ordinal 
4J2 N    N N N 1   
4J2 CA   C N R 2   
4J2 CB   C N N 3   
4J2 CG   C Y N 4   
4J2 CD1  C Y N 5   
4J2 CD2  C Y N 6   
4J2 CE1  C Y N 7   
4J2 CZ1  C Y N 8   
4J2 CZ2  C Y N 9   
4J2 CZ3  C Y N 10  
4J2 CE2  C Y N 11  
4J2 CE3  C Y N 12  
4J2 CE4  C Y N 13  
4J2 HE1  H N N 14  
4J2 HE3  H N N 15  
4J2 HE4  H N N 16  
4J2 C    C N N 17  
4J2 O    O N N 18  
4J2 H    H N N 19  
4J2 H2   H N N 20  
4J2 HA   H N N 21  
4J2 HB2  H N N 22  
4J2 HB1  H N N 23  
4J2 HD1  H N N 24  
4J2 HD2  H N N 25  
4J2 HZ2  H N N 26  
4J2 HZ23 H N N 27  
4J2 OXT  O N N 28  
4J2 HXT  H N N 29  
CYS N    N N N 30  
CYS CA   C N R 31  
CYS C    C N N 32  
CYS O    O N N 33  
CYS CB   C N N 34  
CYS SG   S N N 35  
CYS OXT  O N N 36  
CYS H    H N N 37  
CYS H2   H N N 38  
CYS HA   H N N 39  
CYS HB2  H N N 40  
CYS HB3  H N N 41  
CYS HG   H N N 42  
CYS HXT  H N N 43  
DNP N    N N N 44  
DNP CA   C N S 45  
DNP CB   C N N 46  
DNP NG   N N N 47  
DNP C    C N N 48  
DNP O    O N N 49  
DNP OXT  O N N 50  
DNP H    H N N 51  
DNP H2   H N N 52  
DNP HA   H N N 53  
DNP HB2  H N N 54  
DNP HB3  H N N 55  
DNP HG1  H N N 56  
DNP HG2  H N N 57  
DNP HG3  H N N 58  
DNP HXT  H N N 59  
DTR N    N N N 60  
DTR CA   C N R 61  
DTR CB   C N N 62  
DTR CG   C Y N 63  
DTR CD1  C Y N 64  
DTR NE1  N Y N 65  
DTR CE2  C Y N 66  
DTR CZ2  C Y N 67  
DTR CH2  C Y N 68  
DTR CZ3  C Y N 69  
DTR CE3  C Y N 70  
DTR CD2  C Y N 71  
DTR C    C N N 72  
DTR O    O N N 73  
DTR OXT  O N N 74  
DTR H    H N N 75  
DTR H2   H N N 76  
DTR HA   H N N 77  
DTR HB2  H N N 78  
DTR HB3  H N N 79  
DTR HD1  H N N 80  
DTR HE1  H N N 81  
DTR HZ2  H N N 82  
DTR HH2  H N N 83  
DTR HZ3  H N N 84  
DTR HE3  H N N 85  
DTR HXT  H N N 86  
EOH C1   C N N 87  
EOH C2   C N N 88  
EOH O    O N N 89  
EOH H11  H N N 90  
EOH H12  H N N 91  
EOH H21  H N N 92  
EOH H22  H N N 93  
EOH H23  H N N 94  
EOH HO   H N N 95  
HOH O    O N N 96  
HOH H1   H N N 97  
HOH H2   H N N 98  
NH2 N    N N N 99  
NH2 HN1  H N N 100 
NH2 HN2  H N N 101 
THR N    N N N 102 
THR CA   C N S 103 
THR C    C N N 104 
THR O    O N N 105 
THR CB   C N R 106 
THR OG1  O N N 107 
THR CG2  C N N 108 
THR OXT  O N N 109 
THR H    H N N 110 
THR H2   H N N 111 
THR HA   H N N 112 
THR HB   H N N 113 
THR HG1  H N N 114 
THR HG21 H N N 115 
THR HG22 H N N 116 
THR HG23 H N N 117 
THR HXT  H N N 118 
TYR N    N N N 119 
TYR CA   C N S 120 
TYR C    C N N 121 
TYR O    O N N 122 
TYR CB   C N N 123 
TYR CG   C Y N 124 
TYR CD1  C Y N 125 
TYR CD2  C Y N 126 
TYR CE1  C Y N 127 
TYR CE2  C Y N 128 
TYR CZ   C Y N 129 
TYR OH   O N N 130 
TYR OXT  O N N 131 
TYR H    H N N 132 
TYR H2   H N N 133 
TYR HA   H N N 134 
TYR HB2  H N N 135 
TYR HB3  H N N 136 
TYR HD1  H N N 137 
TYR HD2  H N N 138 
TYR HE1  H N N 139 
TYR HE2  H N N 140 
TYR HH   H N N 141 
TYR HXT  H N N 142 
VAL N    N N N 143 
VAL CA   C N S 144 
VAL C    C N N 145 
VAL O    O N N 146 
VAL CB   C N N 147 
VAL CG1  C N N 148 
VAL CG2  C N N 149 
VAL OXT  O N N 150 
VAL H    H N N 151 
VAL H2   H N N 152 
VAL HA   H N N 153 
VAL HB   H N N 154 
VAL HG11 H N N 155 
VAL HG12 H N N 156 
VAL HG13 H N N 157 
VAL HG21 H N N 158 
VAL HG22 H N N 159 
VAL HG23 H N N 160 
VAL HXT  H N N 161 
# 
loop_
_chem_comp_bond.comp_id 
_chem_comp_bond.atom_id_1 
_chem_comp_bond.atom_id_2 
_chem_comp_bond.value_order 
_chem_comp_bond.pdbx_aromatic_flag 
_chem_comp_bond.pdbx_stereo_config 
_chem_comp_bond.pdbx_ordinal 
4J2 N   CA   sing N N 1   
4J2 CA  CB   sing N N 2   
4J2 CA  C    sing N N 3   
4J2 CB  CG   sing N N 4   
4J2 CG  CD1  doub Y N 5   
4J2 CG  CD2  sing Y N 6   
4J2 CD1 CE1  sing Y N 7   
4J2 CD2 CE2  doub Y N 8   
4J2 CE1 CZ1  doub Y N 9   
4J2 CE1 HE1  sing N N 10  
4J2 CZ1 CZ2  sing Y N 11  
4J2 CZ1 CE2  sing Y N 12  
4J2 CZ2 CZ3  doub Y N 13  
4J2 CZ3 CE4  sing Y N 14  
4J2 CE2 CE3  sing Y N 15  
4J2 CE3 CE4  doub Y N 16  
4J2 CE3 HE3  sing N N 17  
4J2 CE4 HE4  sing N N 18  
4J2 C   O    doub N N 19  
4J2 N   H    sing N N 20  
4J2 N   H2   sing N N 21  
4J2 CA  HA   sing N N 22  
4J2 CB  HB2  sing N N 23  
4J2 CB  HB1  sing N N 24  
4J2 CD1 HD1  sing N N 25  
4J2 CD2 HD2  sing N N 26  
4J2 CZ2 HZ2  sing N N 27  
4J2 CZ3 HZ23 sing N N 28  
4J2 C   OXT  sing N N 29  
4J2 OXT HXT  sing N N 30  
CYS N   CA   sing N N 31  
CYS N   H    sing N N 32  
CYS N   H2   sing N N 33  
CYS CA  C    sing N N 34  
CYS CA  CB   sing N N 35  
CYS CA  HA   sing N N 36  
CYS C   O    doub N N 37  
CYS C   OXT  sing N N 38  
CYS CB  SG   sing N N 39  
CYS CB  HB2  sing N N 40  
CYS CB  HB3  sing N N 41  
CYS SG  HG   sing N N 42  
CYS OXT HXT  sing N N 43  
DNP N   CA   sing N N 44  
DNP N   H    sing N N 45  
DNP N   H2   sing N N 46  
DNP CA  CB   sing N N 47  
DNP CA  C    sing N N 48  
DNP CA  HA   sing N N 49  
DNP CB  NG   sing N N 50  
DNP CB  HB2  sing N N 51  
DNP CB  HB3  sing N N 52  
DNP NG  HG1  sing N N 53  
DNP NG  HG2  sing N N 54  
DNP NG  HG3  sing N N 55  
DNP C   O    doub N N 56  
DNP C   OXT  sing N N 57  
DNP OXT HXT  sing N N 58  
DTR N   CA   sing N N 59  
DTR N   H    sing N N 60  
DTR N   H2   sing N N 61  
DTR CA  CB   sing N N 62  
DTR CA  C    sing N N 63  
DTR CA  HA   sing N N 64  
DTR CB  CG   sing N N 65  
DTR CB  HB2  sing N N 66  
DTR CB  HB3  sing N N 67  
DTR CG  CD1  doub Y N 68  
DTR CG  CD2  sing Y N 69  
DTR CD1 NE1  sing Y N 70  
DTR CD1 HD1  sing N N 71  
DTR NE1 CE2  sing Y N 72  
DTR NE1 HE1  sing N N 73  
DTR CE2 CZ2  doub Y N 74  
DTR CE2 CD2  sing Y N 75  
DTR CZ2 CH2  sing Y N 76  
DTR CZ2 HZ2  sing N N 77  
DTR CH2 CZ3  doub Y N 78  
DTR CH2 HH2  sing N N 79  
DTR CZ3 CE3  sing Y N 80  
DTR CZ3 HZ3  sing N N 81  
DTR CE3 CD2  doub Y N 82  
DTR CE3 HE3  sing N N 83  
DTR C   O    doub N N 84  
DTR C   OXT  sing N N 85  
DTR OXT HXT  sing N N 86  
EOH C1  C2   sing N N 87  
EOH C1  O    sing N N 88  
EOH C1  H11  sing N N 89  
EOH C1  H12  sing N N 90  
EOH C2  H21  sing N N 91  
EOH C2  H22  sing N N 92  
EOH C2  H23  sing N N 93  
EOH O   HO   sing N N 94  
HOH O   H1   sing N N 95  
HOH O   H2   sing N N 96  
NH2 N   HN1  sing N N 97  
NH2 N   HN2  sing N N 98  
THR N   CA   sing N N 99  
THR N   H    sing N N 100 
THR N   H2   sing N N 101 
THR CA  C    sing N N 102 
THR CA  CB   sing N N 103 
THR CA  HA   sing N N 104 
THR C   O    doub N N 105 
THR C   OXT  sing N N 106 
THR CB  OG1  sing N N 107 
THR CB  CG2  sing N N 108 
THR CB  HB   sing N N 109 
THR OG1 HG1  sing N N 110 
THR CG2 HG21 sing N N 111 
THR CG2 HG22 sing N N 112 
THR CG2 HG23 sing N N 113 
THR OXT HXT  sing N N 114 
TYR N   CA   sing N N 115 
TYR N   H    sing N N 116 
TYR N   H2   sing N N 117 
TYR CA  C    sing N N 118 
TYR CA  CB   sing N N 119 
TYR CA  HA   sing N N 120 
TYR C   O    doub N N 121 
TYR C   OXT  sing N N 122 
TYR CB  CG   sing N N 123 
TYR CB  HB2  sing N N 124 
TYR CB  HB3  sing N N 125 
TYR CG  CD1  doub Y N 126 
TYR CG  CD2  sing Y N 127 
TYR CD1 CE1  sing Y N 128 
TYR CD1 HD1  sing N N 129 
TYR CD2 CE2  doub Y N 130 
TYR CD2 HD2  sing N N 131 
TYR CE1 CZ   doub Y N 132 
TYR CE1 HE1  sing N N 133 
TYR CE2 CZ   sing Y N 134 
TYR CE2 HE2  sing N N 135 
TYR CZ  OH   sing N N 136 
TYR OH  HH   sing N N 137 
TYR OXT HXT  sing N N 138 
VAL N   CA   sing N N 139 
VAL N   H    sing N N 140 
VAL N   H2   sing N N 141 
VAL CA  C    sing N N 142 
VAL CA  CB   sing N N 143 
VAL CA  HA   sing N N 144 
VAL C   O    doub N N 145 
VAL C   OXT  sing N N 146 
VAL CB  CG1  sing N N 147 
VAL CB  CG2  sing N N 148 
VAL CB  HB   sing N N 149 
VAL CG1 HG11 sing N N 150 
VAL CG1 HG12 sing N N 151 
VAL CG1 HG13 sing N N 152 
VAL CG2 HG21 sing N N 153 
VAL CG2 HG22 sing N N 154 
VAL CG2 HG23 sing N N 155 
VAL OXT HXT  sing N N 156 
# 
_pdbx_audit_support.funding_organization   'French Infrastructure for Integrated Structural Biology (FRISBI)' 
_pdbx_audit_support.country                France 
_pdbx_audit_support.grant_number           ANR-10-INSB-05-01 
_pdbx_audit_support.ordinal                1 
# 
loop_
_pdbx_entity_nonpoly.entity_id 
_pdbx_entity_nonpoly.name 
_pdbx_entity_nonpoly.comp_id 
2 ETHANOL EOH 
3 water   HOH 
# 
_pdbx_struct_assembly_auth_evidence.id                     1 
_pdbx_struct_assembly_auth_evidence.assembly_id            1 
_pdbx_struct_assembly_auth_evidence.experimental_support   'equilibrium centrifugation' 
_pdbx_struct_assembly_auth_evidence.details                
'Lanreotide determined to dimerize rpior to self-assembly. Uncertain about Lan-dap5' 
# 
